data_4YGX
#
_entry.id   4YGX
#
_cell.length_a   127.880
_cell.length_b   127.880
_cell.length_c   105.861
_cell.angle_alpha   90.000
_cell.angle_beta   90.000
_cell.angle_gamma   90.000
#
_symmetry.space_group_name_H-M   'P 4'
#
loop_
_entity.id
_entity.type
_entity.pdbx_description
1 polymer Symplekin
2 polymer LD40846p
3 polymer 'cis peptidomimetic CTD phospho-Ser5 peptide'
4 water water
#
loop_
_entity_poly.entity_id
_entity_poly.type
_entity_poly.pdbx_seq_one_letter_code
_entity_poly.pdbx_strand_id
1 'polypeptide(L)'
;GPGSGMTDEKTATARAKVVDWCNELVIASPSTKCELLAKVQETVLGSCAELAEEFLESVLSLAHDSNMEVRKQVVAFVEQ
VCKVKVELLPHVINVVSMLLRDNSAQVIKRVIQACGSIYKNGLQYLCSLMEPGDSAEQAWNILSLIKAQILDMIDNENDG
IRTNAIKFLEGVVVLQSFADEDSLKRDGDFSLADVPDHCTLFRREKLQEEGNNILDILLQFHGTTHISSVNLIACTSSLC
TIAKMRPIFMGAVVEAFKQLNANLPPTLTDSQVSSVRKSLKMQLQTLLKNRGAFEFASTIRGMLVDLGSSTNEIQKLIPK
MDKQEMARRQKRILENAAQ
;
A,C
2 'polypeptide(L)'
;GPGSGMTDPSKLAVAVVDSSNMNRSMEAHNFLAKKGFNVRSYGTGERVKLPGMAFDKPNVYEFGTKYEDIYRDLESKDKE
FYTQNGLLHMLDRNRRIKKCPERFQDTKEQFDIIVTVEERVYDLVVMHMESMESVDNRPVHVLNVDVVNNAEDALMGAFV
ITDMINMMAKSTDLDNDIDELIQEFEERRKRVILHSVLFY
;
B,D
3 'polypeptide(L)' (ACE)SPYSPT(4CG)SYS(NH2) E
#
# COMPACT_ATOMS: atom_id res chain seq x y z
N MET A 6 -53.76 -6.76 -21.96
CA MET A 6 -53.42 -5.36 -21.61
C MET A 6 -51.93 -5.08 -21.79
N THR A 7 -51.64 -3.88 -22.31
CA THR A 7 -50.29 -3.40 -22.67
C THR A 7 -49.84 -2.18 -21.80
N ASP A 8 -48.58 -1.75 -22.04
CA ASP A 8 -47.97 -0.48 -21.53
C ASP A 8 -46.66 -0.21 -22.30
N GLU A 9 -45.90 0.80 -21.87
CA GLU A 9 -44.66 1.27 -22.54
C GLU A 9 -43.37 0.50 -22.17
N LYS A 10 -43.36 -0.23 -21.04
CA LYS A 10 -42.16 -0.89 -20.47
C LYS A 10 -41.34 -1.74 -21.46
N THR A 11 -41.97 -2.67 -22.21
CA THR A 11 -41.31 -3.54 -23.19
C THR A 11 -40.60 -2.73 -24.31
N ALA A 12 -41.36 -1.82 -24.96
CA ALA A 12 -40.87 -0.94 -26.04
C ALA A 12 -39.70 -0.05 -25.59
N THR A 13 -39.79 0.50 -24.36
CA THR A 13 -38.76 1.36 -23.74
C THR A 13 -37.50 0.54 -23.44
N ALA A 14 -37.66 -0.74 -23.09
CA ALA A 14 -36.56 -1.66 -22.83
C ALA A 14 -35.92 -2.13 -24.16
N ARG A 15 -36.75 -2.44 -25.18
CA ARG A 15 -36.27 -2.86 -26.50
C ARG A 15 -35.41 -1.77 -27.18
N ALA A 16 -35.84 -0.51 -27.07
CA ALA A 16 -35.13 0.68 -27.60
C ALA A 16 -33.75 0.84 -26.94
N LYS A 17 -33.68 0.57 -25.62
CA LYS A 17 -32.47 0.62 -24.78
C LYS A 17 -31.43 -0.46 -25.21
N VAL A 18 -31.88 -1.71 -25.44
CA VAL A 18 -31.01 -2.84 -25.84
C VAL A 18 -30.63 -2.76 -27.33
N VAL A 19 -31.51 -2.25 -28.21
CA VAL A 19 -31.22 -2.05 -29.66
C VAL A 19 -30.00 -1.11 -29.76
N ASP A 20 -29.99 -0.03 -28.96
CA ASP A 20 -28.93 0.97 -28.81
C ASP A 20 -27.63 0.30 -28.38
N TRP A 21 -27.72 -0.54 -27.34
CA TRP A 21 -26.61 -1.26 -26.81
C TRP A 21 -26.02 -2.33 -27.78
N CYS A 22 -26.89 -3.06 -28.50
CA CYS A 22 -26.49 -4.07 -29.51
C CYS A 22 -25.84 -3.42 -30.75
N ASN A 23 -26.22 -2.18 -31.05
CA ASN A 23 -25.67 -1.42 -32.15
C ASN A 23 -24.28 -0.89 -31.80
N GLU A 24 -24.07 -0.43 -30.55
CA GLU A 24 -22.76 0.03 -30.07
C GLU A 24 -21.68 -1.08 -30.08
N LEU A 25 -22.10 -2.34 -29.87
CA LEU A 25 -21.25 -3.56 -29.79
C LEU A 25 -20.34 -3.77 -31.00
N VAL A 26 -20.88 -3.65 -32.21
CA VAL A 26 -20.14 -3.88 -33.46
C VAL A 26 -19.04 -2.84 -33.71
N ILE A 27 -19.10 -1.68 -33.02
CA ILE A 27 -18.10 -0.60 -33.11
C ILE A 27 -17.41 -0.30 -31.76
N ALA A 28 -17.65 -1.13 -30.74
CA ALA A 28 -17.08 -0.91 -29.40
C ALA A 28 -15.80 -1.70 -29.16
N SER A 29 -14.92 -1.16 -28.30
CA SER A 29 -13.69 -1.88 -27.90
C SER A 29 -14.07 -3.04 -26.98
N PRO A 30 -13.26 -4.13 -26.94
CA PRO A 30 -13.62 -5.29 -26.14
C PRO A 30 -13.99 -4.96 -24.67
N SER A 31 -13.34 -3.95 -24.08
CA SER A 31 -13.60 -3.46 -22.73
C SER A 31 -15.02 -2.85 -22.63
N THR A 32 -15.39 -2.07 -23.65
CA THR A 32 -16.73 -1.46 -23.75
C THR A 32 -17.78 -2.53 -24.06
N LYS A 33 -17.42 -3.54 -24.88
CA LYS A 33 -18.27 -4.69 -25.25
C LYS A 33 -18.79 -5.48 -24.02
N CYS A 34 -17.93 -5.68 -23.01
CA CYS A 34 -18.25 -6.41 -21.78
C CYS A 34 -19.21 -5.62 -20.89
N GLU A 35 -19.03 -4.28 -20.87
CA GLU A 35 -19.88 -3.34 -20.14
C GLU A 35 -21.28 -3.35 -20.73
N LEU A 36 -21.34 -3.27 -22.07
CA LEU A 36 -22.58 -3.30 -22.87
C LEU A 36 -23.33 -4.61 -22.64
N LEU A 37 -22.64 -5.75 -22.75
CA LEU A 37 -23.22 -7.11 -22.57
C LEU A 37 -23.79 -7.31 -21.17
N ALA A 38 -23.14 -6.74 -20.14
CA ALA A 38 -23.59 -6.82 -18.73
C ALA A 38 -24.97 -6.16 -18.62
N LYS A 39 -25.10 -4.97 -19.22
CA LYS A 39 -26.34 -4.20 -19.25
C LYS A 39 -27.43 -4.89 -20.08
N VAL A 40 -27.00 -5.53 -21.17
CA VAL A 40 -27.94 -6.26 -22.04
C VAL A 40 -28.41 -7.51 -21.33
N GLN A 41 -27.64 -8.23 -20.58
CA GLN A 41 -28.06 -9.39 -19.83
C GLN A 41 -29.00 -9.03 -18.65
N GLU A 42 -28.72 -7.99 -17.91
CA GLU A 42 -29.55 -7.56 -16.75
C GLU A 42 -30.92 -7.10 -17.24
N THR A 43 -31.03 -6.68 -18.49
CA THR A 43 -32.29 -6.23 -19.03
C THR A 43 -33.01 -7.45 -19.67
N VAL A 44 -32.39 -8.02 -20.70
CA VAL A 44 -32.94 -9.10 -21.53
C VAL A 44 -33.23 -10.43 -20.76
N LEU A 45 -32.53 -10.69 -19.65
CA LEU A 45 -32.76 -11.86 -18.78
C LEU A 45 -33.26 -11.49 -17.38
N GLY A 46 -33.40 -10.19 -17.10
CA GLY A 46 -33.84 -9.66 -15.82
C GLY A 46 -35.08 -8.76 -15.90
N SER A 47 -34.87 -7.42 -15.96
CA SER A 47 -35.89 -6.35 -16.02
C SER A 47 -37.01 -6.61 -17.09
N CYS A 48 -36.61 -7.01 -18.31
CA CYS A 48 -37.56 -7.33 -19.38
C CYS A 48 -37.11 -8.63 -20.06
N ALA A 49 -37.44 -9.71 -19.38
CA ALA A 49 -37.11 -11.14 -19.74
C ALA A 49 -37.62 -11.58 -21.13
N GLU A 50 -38.72 -10.97 -21.60
CA GLU A 50 -39.36 -11.21 -22.91
C GLU A 50 -38.47 -11.03 -24.15
N LEU A 51 -37.51 -10.09 -24.05
CA LEU A 51 -36.52 -9.73 -25.08
C LEU A 51 -35.43 -10.77 -25.35
N ALA A 52 -35.40 -11.92 -24.62
CA ALA A 52 -34.54 -13.06 -24.86
C ALA A 52 -34.44 -13.62 -26.27
N GLU A 53 -35.57 -13.94 -26.85
CA GLU A 53 -35.55 -14.74 -28.08
C GLU A 53 -34.98 -14.04 -29.31
N GLU A 54 -35.34 -12.77 -29.52
CA GLU A 54 -34.90 -12.00 -30.67
C GLU A 54 -33.46 -11.43 -30.55
N PHE A 55 -32.92 -11.19 -29.33
CA PHE A 55 -31.55 -10.69 -29.16
C PHE A 55 -30.53 -11.79 -28.80
N LEU A 56 -30.94 -13.05 -28.95
CA LEU A 56 -30.12 -14.25 -28.74
C LEU A 56 -28.92 -14.27 -29.70
N GLU A 57 -29.19 -14.34 -31.02
CA GLU A 57 -28.19 -14.36 -32.08
C GLU A 57 -27.22 -13.18 -32.06
N SER A 58 -27.71 -12.04 -31.60
CA SER A 58 -26.84 -10.84 -31.39
C SER A 58 -25.71 -11.16 -30.43
N VAL A 59 -26.05 -11.78 -29.30
CA VAL A 59 -25.09 -12.18 -28.24
C VAL A 59 -24.29 -13.42 -28.65
N LEU A 60 -24.96 -14.47 -29.15
CA LEU A 60 -24.26 -15.73 -29.55
C LEU A 60 -23.26 -15.61 -30.66
N SER A 61 -23.35 -14.54 -31.46
CA SER A 61 -22.39 -14.27 -32.55
C SER A 61 -21.03 -13.85 -31.94
N LEU A 62 -21.07 -13.20 -30.76
CA LEU A 62 -19.88 -12.71 -30.04
C LEU A 62 -19.03 -13.84 -29.42
N ALA A 63 -19.45 -15.10 -29.62
CA ALA A 63 -18.73 -16.29 -29.19
C ALA A 63 -17.49 -16.49 -30.09
N HIS A 64 -17.48 -15.84 -31.27
CA HIS A 64 -16.40 -15.91 -32.23
C HIS A 64 -15.40 -14.74 -32.06
N ASP A 65 -15.73 -13.72 -31.25
CA ASP A 65 -14.85 -12.58 -30.99
C ASP A 65 -13.45 -13.04 -30.53
N SER A 66 -12.45 -12.25 -30.88
CA SER A 66 -11.01 -12.51 -30.60
C SER A 66 -10.63 -12.37 -29.15
N ASN A 67 -11.27 -11.43 -28.42
CA ASN A 67 -10.99 -11.27 -26.99
C ASN A 67 -11.66 -12.33 -26.14
N MET A 68 -10.85 -12.94 -25.26
CA MET A 68 -11.29 -14.00 -24.39
C MET A 68 -12.29 -13.54 -23.32
N GLU A 69 -12.18 -12.29 -22.83
CA GLU A 69 -13.11 -11.70 -21.84
C GLU A 69 -14.54 -11.69 -22.39
N VAL A 70 -14.64 -11.33 -23.68
CA VAL A 70 -15.90 -11.25 -24.42
C VAL A 70 -16.50 -12.67 -24.49
N ARG A 71 -15.67 -13.65 -24.87
CA ARG A 71 -16.03 -15.05 -24.98
C ARG A 71 -16.54 -15.61 -23.60
N LYS A 72 -15.90 -15.16 -22.50
CA LYS A 72 -16.24 -15.53 -21.14
C LYS A 72 -17.58 -14.93 -20.71
N GLN A 73 -17.88 -13.72 -21.22
CA GLN A 73 -19.16 -13.02 -20.96
C GLN A 73 -20.31 -13.72 -21.63
N VAL A 74 -20.07 -14.28 -22.83
CA VAL A 74 -21.04 -15.10 -23.59
C VAL A 74 -21.42 -16.32 -22.78
N VAL A 75 -20.41 -16.97 -22.17
CA VAL A 75 -20.60 -18.14 -21.32
C VAL A 75 -21.46 -17.78 -20.11
N ALA A 76 -21.15 -16.64 -19.44
CA ALA A 76 -21.88 -16.14 -18.31
C ALA A 76 -23.36 -15.93 -18.65
N PHE A 77 -23.62 -15.42 -19.87
CA PHE A 77 -24.96 -15.17 -20.42
C PHE A 77 -25.69 -16.45 -20.65
N VAL A 78 -25.09 -17.37 -21.39
CA VAL A 78 -25.69 -18.65 -21.71
C VAL A 78 -26.01 -19.48 -20.46
N GLU A 79 -25.16 -19.38 -19.42
CA GLU A 79 -25.39 -20.02 -18.14
C GLU A 79 -26.64 -19.44 -17.45
N GLN A 80 -26.85 -18.12 -17.58
CA GLN A 80 -28.02 -17.43 -17.04
C GLN A 80 -29.31 -17.81 -17.80
N VAL A 81 -29.20 -17.94 -19.12
CA VAL A 81 -30.30 -18.36 -19.98
C VAL A 81 -30.88 -19.69 -19.56
N CYS A 82 -30.02 -20.66 -19.24
CA CYS A 82 -30.48 -21.99 -18.78
C CYS A 82 -31.05 -21.96 -17.36
N LYS A 83 -30.78 -20.89 -16.61
CA LYS A 83 -31.32 -20.71 -15.25
C LYS A 83 -32.73 -20.12 -15.29
N VAL A 84 -32.93 -19.03 -16.05
CA VAL A 84 -34.20 -18.27 -16.11
C VAL A 84 -35.09 -18.58 -17.32
N LYS A 85 -34.53 -18.85 -18.50
CA LYS A 85 -35.30 -19.14 -19.71
C LYS A 85 -34.84 -20.49 -20.31
N VAL A 86 -34.89 -21.55 -19.49
CA VAL A 86 -34.31 -22.84 -19.87
C VAL A 86 -34.94 -23.46 -21.17
N GLU A 87 -36.09 -22.92 -21.61
CA GLU A 87 -36.78 -23.38 -22.84
C GLU A 87 -35.94 -23.04 -24.08
N LEU A 88 -35.02 -22.06 -23.95
CA LEU A 88 -34.10 -21.65 -25.01
C LEU A 88 -32.85 -22.54 -25.09
N LEU A 89 -32.75 -23.56 -24.19
CA LEU A 89 -31.61 -24.49 -24.07
C LEU A 89 -31.10 -24.99 -25.44
N PRO A 90 -31.96 -25.53 -26.33
CA PRO A 90 -31.41 -26.06 -27.62
C PRO A 90 -30.81 -24.96 -28.52
N HIS A 91 -31.28 -23.71 -28.36
CA HIS A 91 -30.78 -22.59 -29.16
C HIS A 91 -29.45 -22.00 -28.65
N VAL A 92 -28.99 -22.43 -27.47
CA VAL A 92 -27.70 -21.93 -26.94
C VAL A 92 -26.64 -23.02 -26.74
N ILE A 93 -27.07 -24.27 -26.53
CA ILE A 93 -26.19 -25.38 -26.14
C ILE A 93 -25.04 -25.67 -27.16
N ASN A 94 -25.20 -25.32 -28.44
CA ASN A 94 -24.15 -25.55 -29.44
C ASN A 94 -22.87 -24.77 -29.19
N VAL A 95 -23.04 -23.51 -28.84
CA VAL A 95 -21.94 -22.55 -28.53
C VAL A 95 -21.11 -23.08 -27.39
N VAL A 96 -21.75 -23.71 -26.38
CA VAL A 96 -21.09 -24.29 -25.19
C VAL A 96 -20.18 -25.43 -25.62
N SER A 97 -20.65 -26.39 -26.41
CA SER A 97 -19.82 -27.51 -26.89
C SER A 97 -18.66 -27.01 -27.78
N MET A 98 -18.91 -25.95 -28.52
CA MET A 98 -17.92 -25.29 -29.38
C MET A 98 -16.84 -24.59 -28.56
N LEU A 99 -17.25 -23.91 -27.50
CA LEU A 99 -16.31 -23.19 -26.62
C LEU A 99 -15.46 -24.17 -25.78
N LEU A 100 -15.80 -25.45 -25.74
CA LEU A 100 -14.98 -26.48 -25.08
C LEU A 100 -13.83 -26.92 -26.00
N ARG A 101 -13.83 -26.37 -27.22
CA ARG A 101 -12.68 -26.64 -28.14
C ARG A 101 -11.83 -25.38 -28.18
N ASP A 102 -12.12 -24.38 -27.35
CA ASP A 102 -11.44 -23.07 -27.34
C ASP A 102 -9.93 -23.20 -27.07
N ASN A 103 -9.17 -22.27 -27.64
CA ASN A 103 -7.71 -22.22 -27.53
C ASN A 103 -7.25 -21.69 -26.16
N SER A 104 -7.98 -20.70 -25.62
CA SER A 104 -7.64 -20.10 -24.31
C SER A 104 -8.14 -20.95 -23.14
N ALA A 105 -7.21 -21.31 -22.23
CA ALA A 105 -7.49 -22.16 -21.05
C ALA A 105 -8.43 -21.45 -20.10
N GLN A 106 -8.35 -20.11 -20.02
CA GLN A 106 -9.22 -19.25 -19.22
C GLN A 106 -10.68 -19.38 -19.66
N VAL A 107 -10.90 -19.50 -20.98
CA VAL A 107 -12.24 -19.67 -21.52
C VAL A 107 -12.71 -21.08 -21.23
N ILE A 108 -11.87 -22.12 -21.48
CA ILE A 108 -12.22 -23.52 -21.20
C ILE A 108 -12.73 -23.67 -19.75
N LYS A 109 -11.94 -23.16 -18.77
CA LYS A 109 -12.25 -23.23 -17.33
C LYS A 109 -13.64 -22.65 -17.01
N ARG A 110 -13.90 -21.44 -17.53
CA ARG A 110 -15.17 -20.74 -17.37
C ARG A 110 -16.34 -21.54 -17.97
N VAL A 111 -16.14 -22.15 -19.15
CA VAL A 111 -17.18 -22.99 -19.81
C VAL A 111 -17.51 -24.21 -18.93
N ILE A 112 -16.46 -24.93 -18.43
CA ILE A 112 -16.63 -26.10 -17.56
C ILE A 112 -17.41 -25.70 -16.31
N GLN A 113 -17.06 -24.55 -15.72
CA GLN A 113 -17.74 -24.02 -14.53
C GLN A 113 -19.21 -23.84 -14.80
N ALA A 114 -19.55 -23.15 -15.92
CA ALA A 114 -20.92 -22.90 -16.36
C ALA A 114 -21.71 -24.19 -16.69
N CYS A 115 -21.02 -25.22 -17.20
CA CYS A 115 -21.62 -26.51 -17.57
C CYS A 115 -22.21 -27.28 -16.40
N GLY A 116 -21.84 -26.91 -15.19
CA GLY A 116 -22.35 -27.55 -14.00
C GLY A 116 -23.83 -27.31 -13.85
N SER A 117 -24.24 -26.03 -13.79
CA SER A 117 -25.65 -25.56 -13.74
C SER A 117 -26.36 -25.84 -15.03
N ILE A 118 -25.69 -25.60 -16.17
CA ILE A 118 -26.27 -25.85 -17.50
C ILE A 118 -26.71 -27.32 -17.68
N TYR A 119 -25.86 -28.25 -17.28
CA TYR A 119 -26.20 -29.68 -17.42
C TYR A 119 -27.32 -30.08 -16.48
N LYS A 120 -27.30 -29.56 -15.25
CA LYS A 120 -28.36 -29.87 -14.27
C LYS A 120 -29.70 -29.28 -14.74
N ASN A 121 -29.70 -27.99 -15.12
CA ASN A 121 -30.91 -27.29 -15.59
C ASN A 121 -31.42 -27.93 -16.91
N GLY A 122 -30.50 -28.26 -17.80
CA GLY A 122 -30.76 -28.90 -19.06
C GLY A 122 -31.36 -30.28 -18.90
N LEU A 123 -30.82 -31.08 -17.97
CA LEU A 123 -31.31 -32.44 -17.70
C LEU A 123 -32.71 -32.39 -17.06
N GLN A 124 -32.95 -31.45 -16.13
CA GLN A 124 -34.23 -31.22 -15.45
C GLN A 124 -35.35 -30.85 -16.43
N TYR A 125 -35.04 -29.95 -17.36
CA TYR A 125 -35.97 -29.46 -18.37
C TYR A 125 -36.38 -30.53 -19.37
N LEU A 126 -35.41 -31.26 -19.91
CA LEU A 126 -35.62 -32.28 -20.95
C LEU A 126 -36.42 -33.48 -20.49
N CYS A 127 -36.22 -33.93 -19.26
CA CYS A 127 -36.99 -35.06 -18.74
C CYS A 127 -38.37 -34.60 -18.20
N SER A 128 -38.65 -33.28 -18.17
CA SER A 128 -39.93 -32.69 -17.75
C SER A 128 -40.95 -32.66 -18.93
N LEU A 129 -40.45 -32.61 -20.18
CA LEU A 129 -41.22 -32.59 -21.42
C LEU A 129 -41.91 -33.93 -21.66
N MET A 130 -43.22 -33.90 -21.97
CA MET A 130 -44.05 -35.12 -22.16
C MET A 130 -43.98 -35.61 -23.61
N GLU A 131 -44.05 -34.67 -24.55
CA GLU A 131 -43.91 -34.97 -25.99
C GLU A 131 -42.70 -34.16 -26.50
N PRO A 132 -41.48 -34.72 -26.32
CA PRO A 132 -40.26 -34.00 -26.73
C PRO A 132 -40.07 -34.06 -28.25
N GLY A 133 -39.76 -32.90 -28.83
CA GLY A 133 -39.52 -32.78 -30.26
C GLY A 133 -38.14 -33.22 -30.71
N ASP A 134 -37.81 -32.88 -31.95
CA ASP A 134 -36.49 -33.16 -32.55
C ASP A 134 -35.44 -32.24 -31.91
N SER A 135 -35.77 -30.96 -31.66
CA SER A 135 -34.87 -30.02 -31.03
C SER A 135 -34.43 -30.47 -29.61
N ALA A 136 -35.29 -31.20 -28.92
CA ALA A 136 -35.02 -31.79 -27.63
C ALA A 136 -34.02 -32.95 -27.70
N GLU A 137 -34.12 -33.77 -28.75
CA GLU A 137 -33.15 -34.86 -29.03
C GLU A 137 -31.77 -34.29 -29.42
N GLN A 138 -31.76 -33.15 -30.12
CA GLN A 138 -30.55 -32.44 -30.53
C GLN A 138 -29.81 -31.88 -29.31
N ALA A 139 -30.56 -31.20 -28.42
CA ALA A 139 -30.05 -30.61 -27.19
C ALA A 139 -29.45 -31.69 -26.25
N TRP A 140 -30.14 -32.83 -26.16
CA TRP A 140 -29.69 -33.96 -25.33
C TRP A 140 -28.35 -34.53 -25.91
N ASN A 141 -28.27 -34.63 -27.25
CA ASN A 141 -27.10 -35.12 -27.90
C ASN A 141 -25.86 -34.26 -27.67
N ILE A 142 -26.07 -32.93 -27.64
CA ILE A 142 -25.02 -31.97 -27.35
C ILE A 142 -24.59 -32.08 -25.87
N LEU A 143 -25.58 -32.24 -24.96
CA LEU A 143 -25.32 -32.47 -23.53
C LEU A 143 -24.49 -33.75 -23.32
N SER A 144 -24.78 -34.80 -24.06
CA SER A 144 -24.04 -36.08 -23.99
C SER A 144 -22.58 -35.92 -24.44
N LEU A 145 -22.41 -35.03 -25.43
CA LEU A 145 -21.09 -34.77 -26.00
C LEU A 145 -20.30 -33.87 -25.05
N ILE A 146 -20.97 -32.91 -24.42
CA ILE A 146 -20.36 -32.02 -23.40
C ILE A 146 -19.77 -32.83 -22.28
N LYS A 147 -20.54 -33.79 -21.76
CA LYS A 147 -20.03 -34.72 -20.71
C LYS A 147 -18.75 -35.42 -21.11
N ALA A 148 -18.76 -35.98 -22.32
CA ALA A 148 -17.60 -36.71 -22.90
C ALA A 148 -16.41 -35.78 -23.11
N GLN A 149 -16.68 -34.53 -23.52
CA GLN A 149 -15.65 -33.52 -23.80
C GLN A 149 -14.90 -33.16 -22.52
N ILE A 150 -15.70 -32.89 -21.46
CA ILE A 150 -15.16 -32.49 -20.18
C ILE A 150 -14.48 -33.70 -19.49
N LEU A 151 -15.03 -34.89 -19.70
CA LEU A 151 -14.42 -36.12 -19.16
C LEU A 151 -13.04 -36.31 -19.71
N ASP A 152 -12.80 -35.95 -20.98
CA ASP A 152 -11.45 -36.08 -21.58
C ASP A 152 -10.47 -35.11 -20.99
N MET A 153 -11.01 -34.01 -20.46
CA MET A 153 -10.14 -32.92 -19.91
C MET A 153 -9.48 -33.26 -18.58
N ILE A 154 -9.76 -34.40 -18.00
CA ILE A 154 -9.00 -34.86 -16.79
C ILE A 154 -7.57 -35.22 -17.17
N ASP A 155 -7.30 -35.47 -18.47
CA ASP A 155 -5.96 -35.76 -18.98
C ASP A 155 -5.42 -34.55 -19.70
N ASN A 156 -6.05 -33.36 -19.47
CA ASN A 156 -5.51 -32.12 -20.06
C ASN A 156 -4.20 -31.75 -19.42
N GLU A 157 -3.34 -31.05 -20.13
CA GLU A 157 -2.02 -30.68 -19.60
C GLU A 157 -2.08 -29.51 -18.59
N ASN A 158 -3.18 -28.78 -18.56
CA ASN A 158 -3.38 -27.64 -17.67
C ASN A 158 -4.03 -28.09 -16.35
N ASP A 159 -3.44 -27.69 -15.23
CA ASP A 159 -3.87 -28.12 -13.89
C ASP A 159 -5.22 -27.53 -13.53
N GLY A 160 -5.43 -26.28 -13.94
CA GLY A 160 -6.69 -25.58 -13.70
C GLY A 160 -7.84 -26.21 -14.46
N ILE A 161 -7.61 -26.63 -15.71
CA ILE A 161 -8.61 -27.34 -16.53
C ILE A 161 -8.99 -28.63 -15.85
N ARG A 162 -7.98 -29.40 -15.47
CA ARG A 162 -8.18 -30.70 -14.75
C ARG A 162 -9.06 -30.52 -13.46
N THR A 163 -8.76 -29.51 -12.68
CA THR A 163 -9.51 -29.20 -11.46
C THR A 163 -10.96 -28.93 -11.73
N ASN A 164 -11.24 -28.07 -12.72
CA ASN A 164 -12.61 -27.74 -13.11
C ASN A 164 -13.32 -28.97 -13.67
N ALA A 165 -12.62 -29.77 -14.50
CA ALA A 165 -13.17 -30.98 -15.06
C ALA A 165 -13.63 -31.93 -13.94
N ILE A 166 -12.79 -32.15 -12.89
CA ILE A 166 -13.12 -33.01 -11.74
C ILE A 166 -14.39 -32.54 -11.04
N LYS A 167 -14.53 -31.22 -10.84
CA LYS A 167 -15.69 -30.61 -10.19
C LYS A 167 -16.96 -30.81 -11.01
N PHE A 168 -16.85 -30.72 -12.32
CA PHE A 168 -17.99 -30.93 -13.22
C PHE A 168 -18.48 -32.36 -13.09
N LEU A 169 -17.58 -33.32 -13.18
CA LEU A 169 -17.87 -34.75 -13.17
C LEU A 169 -18.58 -35.22 -11.86
N GLU A 170 -18.30 -34.51 -10.75
CA GLU A 170 -18.92 -34.68 -9.43
C GLU A 170 -20.43 -34.49 -9.50
N GLY A 171 -20.91 -33.43 -10.18
CA GLY A 171 -22.36 -33.18 -10.27
C GLY A 171 -23.07 -34.20 -11.16
N VAL A 172 -22.39 -34.65 -12.23
CA VAL A 172 -22.93 -35.67 -13.12
C VAL A 172 -23.22 -36.97 -12.35
N VAL A 173 -22.21 -37.48 -11.61
CA VAL A 173 -22.34 -38.70 -10.77
C VAL A 173 -23.52 -38.56 -9.81
N VAL A 174 -23.62 -37.41 -9.14
CA VAL A 174 -24.70 -37.11 -8.21
C VAL A 174 -26.06 -37.12 -8.89
N LEU A 175 -26.16 -36.52 -10.09
CA LEU A 175 -27.42 -36.50 -10.85
C LEU A 175 -27.79 -37.91 -11.32
N GLN A 176 -26.76 -38.64 -11.81
CA GLN A 176 -26.91 -39.92 -12.47
C GLN A 176 -26.74 -41.14 -11.54
N SER A 177 -27.42 -41.04 -10.41
CA SER A 177 -27.42 -42.05 -9.35
C SER A 177 -28.71 -41.79 -8.53
N PHE A 178 -29.08 -42.77 -7.71
CA PHE A 178 -30.27 -42.66 -6.90
C PHE A 178 -29.99 -42.19 -5.49
N ALA A 179 -30.78 -41.23 -5.00
CA ALA A 179 -30.74 -40.78 -3.63
C ALA A 179 -31.40 -41.87 -2.76
N ASP A 180 -31.22 -41.79 -1.45
CA ASP A 180 -31.90 -42.71 -0.54
C ASP A 180 -32.12 -42.05 0.82
N GLU A 181 -32.42 -42.87 1.85
CA GLU A 181 -32.69 -42.41 3.21
C GLU A 181 -31.46 -41.74 3.84
N ASP A 182 -30.27 -42.33 3.58
CA ASP A 182 -28.99 -41.84 4.11
C ASP A 182 -28.38 -40.65 3.38
N SER A 183 -28.90 -40.27 2.20
CA SER A 183 -28.47 -39.07 1.44
C SER A 183 -28.61 -37.81 2.25
N LEU A 184 -27.62 -36.91 2.18
CA LEU A 184 -27.67 -35.62 2.87
C LEU A 184 -28.82 -34.78 2.31
N LYS A 185 -29.60 -34.16 3.20
CA LYS A 185 -30.69 -33.26 2.84
C LYS A 185 -30.11 -31.99 2.22
N ARG A 186 -30.33 -31.84 0.92
CA ARG A 186 -29.88 -30.71 0.13
C ARG A 186 -31.05 -30.21 -0.70
N ASP A 187 -31.24 -28.89 -0.66
CA ASP A 187 -32.45 -28.23 -1.20
C ASP A 187 -32.80 -28.58 -2.64
N GLY A 188 -31.91 -28.32 -3.60
CA GLY A 188 -32.27 -28.55 -5.00
C GLY A 188 -31.92 -29.94 -5.51
N ASP A 189 -31.80 -30.92 -4.61
CA ASP A 189 -31.19 -32.20 -4.97
C ASP A 189 -32.05 -32.97 -6.00
N PHE A 190 -31.38 -33.43 -7.05
CA PHE A 190 -32.00 -34.17 -8.16
C PHE A 190 -31.24 -35.46 -8.41
N SER A 191 -31.97 -36.55 -8.51
CA SER A 191 -31.42 -37.92 -8.66
C SER A 191 -32.14 -38.60 -9.85
N LEU A 192 -31.74 -39.84 -10.16
CA LEU A 192 -32.40 -40.64 -11.21
C LEU A 192 -33.86 -41.01 -10.81
N ALA A 193 -34.17 -40.93 -9.52
CA ALA A 193 -35.52 -41.13 -8.96
C ALA A 193 -36.47 -40.04 -9.44
N ASP A 194 -35.92 -38.85 -9.76
CA ASP A 194 -36.65 -37.68 -10.29
C ASP A 194 -36.77 -37.70 -11.82
N VAL A 195 -36.16 -38.70 -12.47
CA VAL A 195 -36.24 -38.93 -13.92
C VAL A 195 -37.47 -39.83 -14.19
N PRO A 196 -38.47 -39.36 -14.98
CA PRO A 196 -39.68 -40.17 -15.16
C PRO A 196 -39.50 -41.38 -16.08
N ASP A 197 -40.42 -42.35 -15.96
CA ASP A 197 -40.43 -43.56 -16.80
C ASP A 197 -40.97 -43.24 -18.18
N HIS A 198 -41.83 -42.19 -18.27
CA HIS A 198 -42.41 -41.69 -19.51
C HIS A 198 -41.36 -41.04 -20.45
N CYS A 199 -40.15 -40.81 -19.95
CA CYS A 199 -39.09 -40.12 -20.74
C CYS A 199 -38.51 -41.10 -21.76
N THR A 200 -38.51 -40.69 -23.03
CA THR A 200 -38.02 -41.50 -24.18
C THR A 200 -36.59 -41.14 -24.53
N LEU A 201 -36.18 -39.88 -24.26
CA LEU A 201 -34.88 -39.28 -24.61
C LEU A 201 -33.65 -40.07 -24.15
N PHE A 202 -33.76 -40.69 -22.97
CA PHE A 202 -32.73 -41.59 -22.41
C PHE A 202 -33.37 -42.51 -21.36
N ARG A 203 -32.60 -43.53 -20.95
CA ARG A 203 -33.02 -44.46 -19.90
C ARG A 203 -32.19 -44.28 -18.62
N ARG A 204 -32.90 -44.41 -17.47
CA ARG A 204 -32.33 -44.32 -16.10
C ARG A 204 -31.16 -45.27 -15.90
N GLU A 205 -31.25 -46.50 -16.42
CA GLU A 205 -30.21 -47.54 -16.33
C GLU A 205 -28.93 -47.11 -17.04
N LYS A 206 -29.06 -46.48 -18.22
CA LYS A 206 -27.90 -46.05 -19.04
C LYS A 206 -27.17 -44.86 -18.38
N LEU A 207 -27.90 -43.91 -17.78
CA LEU A 207 -27.33 -42.77 -17.04
C LEU A 207 -26.59 -43.26 -15.79
N GLN A 208 -27.16 -44.25 -15.11
CA GLN A 208 -26.57 -44.89 -13.93
C GLN A 208 -25.27 -45.59 -14.31
N GLU A 209 -25.27 -46.29 -15.44
CA GLU A 209 -24.10 -46.97 -15.99
C GLU A 209 -22.99 -45.95 -16.25
N GLU A 210 -23.32 -44.79 -16.85
CA GLU A 210 -22.37 -43.70 -17.12
C GLU A 210 -21.82 -43.09 -15.82
N GLY A 211 -22.71 -42.82 -14.85
CA GLY A 211 -22.38 -42.31 -13.54
C GLY A 211 -21.38 -43.20 -12.80
N ASN A 212 -21.59 -44.51 -12.88
CA ASN A 212 -20.72 -45.54 -12.31
C ASN A 212 -19.36 -45.57 -13.01
N ASN A 213 -19.33 -45.31 -14.32
CA ASN A 213 -18.08 -45.28 -15.12
C ASN A 213 -17.28 -44.03 -14.83
N ILE A 214 -17.97 -42.89 -14.60
CA ILE A 214 -17.31 -41.64 -14.25
C ILE A 214 -16.73 -41.78 -12.84
N LEU A 215 -17.47 -42.40 -11.92
CA LEU A 215 -16.98 -42.64 -10.56
C LEU A 215 -15.74 -43.53 -10.59
N ASP A 216 -15.78 -44.63 -11.36
CA ASP A 216 -14.64 -45.55 -11.52
C ASP A 216 -13.40 -44.80 -11.99
N ILE A 217 -13.59 -43.86 -12.92
CA ILE A 217 -12.52 -43.03 -13.47
C ILE A 217 -11.97 -42.09 -12.36
N LEU A 218 -12.86 -41.48 -11.58
CA LEU A 218 -12.45 -40.60 -10.48
C LEU A 218 -11.68 -41.37 -9.42
N LEU A 219 -12.16 -42.57 -9.06
CA LEU A 219 -11.49 -43.43 -8.06
C LEU A 219 -10.07 -43.82 -8.51
N GLN A 220 -9.89 -44.12 -9.81
CA GLN A 220 -8.60 -44.48 -10.37
C GLN A 220 -7.69 -43.26 -10.43
N PHE A 221 -8.26 -42.11 -10.83
CA PHE A 221 -7.53 -40.86 -10.94
C PHE A 221 -6.94 -40.48 -9.58
N HIS A 222 -7.77 -40.58 -8.55
CA HIS A 222 -7.46 -40.29 -7.14
C HIS A 222 -6.29 -41.12 -6.63
N GLY A 223 -6.08 -42.31 -7.18
CA GLY A 223 -5.05 -43.22 -6.72
C GLY A 223 -3.77 -43.23 -7.51
N THR A 224 -3.57 -42.33 -8.43
CA THR A 224 -2.31 -42.31 -9.20
C THR A 224 -1.17 -41.67 -8.41
N THR A 225 0.05 -41.94 -8.87
CA THR A 225 1.31 -41.58 -8.19
C THR A 225 1.83 -40.21 -8.63
N HIS A 226 1.36 -39.69 -9.77
CA HIS A 226 1.88 -38.42 -10.27
C HIS A 226 0.82 -37.32 -10.39
N ILE A 227 -0.25 -37.42 -9.61
CA ILE A 227 -1.30 -36.40 -9.51
C ILE A 227 -0.86 -35.15 -8.80
N SER A 228 -1.34 -34.00 -9.25
CA SER A 228 -0.96 -32.70 -8.63
C SER A 228 -1.67 -32.58 -7.28
N SER A 229 -1.15 -31.74 -6.39
CA SER A 229 -1.71 -31.59 -5.04
C SER A 229 -3.12 -30.99 -5.15
N VAL A 230 -3.31 -30.03 -6.04
CA VAL A 230 -4.63 -29.37 -6.22
C VAL A 230 -5.66 -30.37 -6.78
N ASN A 231 -5.27 -31.13 -7.82
CA ASN A 231 -6.15 -32.14 -8.42
C ASN A 231 -6.53 -33.21 -7.41
N LEU A 232 -5.57 -33.68 -6.60
CA LEU A 232 -5.82 -34.62 -5.54
C LEU A 232 -6.82 -34.08 -4.47
N ILE A 233 -6.59 -32.86 -4.02
CA ILE A 233 -7.51 -32.24 -3.04
C ILE A 233 -8.92 -32.09 -3.61
N ALA A 234 -9.01 -31.60 -4.82
CA ALA A 234 -10.32 -31.40 -5.53
C ALA A 234 -11.00 -32.78 -5.67
N CYS A 235 -10.24 -33.78 -6.12
CA CYS A 235 -10.80 -35.12 -6.33
C CYS A 235 -11.33 -35.75 -5.01
N THR A 236 -10.57 -35.56 -3.96
CA THR A 236 -10.91 -36.05 -2.62
C THR A 236 -12.18 -35.45 -2.10
N SER A 237 -12.34 -34.14 -2.30
CA SER A 237 -13.55 -33.48 -1.84
C SER A 237 -14.76 -33.84 -2.73
N SER A 238 -14.52 -34.03 -4.03
CA SER A 238 -15.56 -34.46 -4.96
C SER A 238 -16.06 -35.85 -4.61
N LEU A 239 -15.15 -36.76 -4.29
CA LEU A 239 -15.50 -38.13 -3.84
C LEU A 239 -16.31 -38.06 -2.54
N CYS A 240 -15.97 -37.12 -1.65
CA CYS A 240 -16.70 -36.94 -0.38
C CYS A 240 -18.15 -36.46 -0.67
N THR A 241 -18.31 -35.45 -1.54
CA THR A 241 -19.62 -34.94 -1.93
C THR A 241 -20.48 -36.08 -2.52
N ILE A 242 -19.91 -36.86 -3.44
CA ILE A 242 -20.60 -38.02 -4.03
C ILE A 242 -21.05 -39.00 -3.00
N ALA A 243 -20.17 -39.45 -2.10
CA ALA A 243 -20.52 -40.42 -1.04
C ALA A 243 -21.56 -39.88 -0.03
N LYS A 244 -21.52 -38.59 0.32
CA LYS A 244 -22.50 -38.07 1.29
C LYS A 244 -23.88 -37.86 0.62
N MET A 245 -23.86 -37.57 -0.67
CA MET A 245 -25.07 -37.37 -1.47
C MET A 245 -25.66 -38.70 -1.87
N ARG A 246 -24.79 -39.65 -2.20
CA ARG A 246 -25.22 -40.99 -2.64
C ARG A 246 -24.44 -42.06 -1.88
N PRO A 247 -24.88 -42.34 -0.65
CA PRO A 247 -24.18 -43.29 0.22
C PRO A 247 -24.00 -44.71 -0.28
N ILE A 248 -24.57 -45.03 -1.45
CA ILE A 248 -24.33 -46.33 -2.10
C ILE A 248 -22.83 -46.47 -2.44
N PHE A 249 -22.16 -45.33 -2.73
CA PHE A 249 -20.75 -45.26 -3.12
C PHE A 249 -19.76 -45.11 -1.95
N MET A 250 -20.29 -45.06 -0.72
CA MET A 250 -19.53 -44.85 0.51
C MET A 250 -18.37 -45.82 0.70
N GLY A 251 -18.60 -47.13 0.54
CA GLY A 251 -17.55 -48.13 0.69
C GLY A 251 -16.37 -47.93 -0.23
N ALA A 252 -16.66 -47.56 -1.48
CA ALA A 252 -15.67 -47.32 -2.52
C ALA A 252 -14.81 -46.10 -2.20
N VAL A 253 -15.45 -45.02 -1.75
CA VAL A 253 -14.81 -43.75 -1.41
C VAL A 253 -13.94 -43.92 -0.15
N VAL A 254 -14.47 -44.64 0.87
CA VAL A 254 -13.73 -44.91 2.10
C VAL A 254 -12.47 -45.73 1.77
N GLU A 255 -12.57 -46.70 0.87
CA GLU A 255 -11.44 -47.52 0.42
C GLU A 255 -10.39 -46.71 -0.31
N ALA A 256 -10.84 -45.80 -1.19
CA ALA A 256 -9.96 -44.87 -1.94
C ALA A 256 -9.18 -44.01 -0.93
N PHE A 257 -9.87 -43.50 0.08
CA PHE A 257 -9.27 -42.65 1.12
C PHE A 257 -8.25 -43.44 1.94
N LYS A 258 -8.60 -44.68 2.31
CA LYS A 258 -7.73 -45.60 3.05
C LYS A 258 -6.45 -45.89 2.23
N GLN A 259 -6.62 -46.19 0.94
CA GLN A 259 -5.50 -46.47 0.06
C GLN A 259 -4.58 -45.23 -0.10
N LEU A 260 -5.20 -44.04 -0.23
CA LEU A 260 -4.45 -42.79 -0.36
C LEU A 260 -3.60 -42.54 0.89
N ASN A 261 -4.21 -42.59 2.08
CA ASN A 261 -3.46 -42.29 3.31
C ASN A 261 -2.28 -43.26 3.53
N ALA A 262 -2.36 -44.48 2.99
CA ALA A 262 -1.31 -45.47 3.09
C ALA A 262 -0.27 -45.29 2.00
N ASN A 263 -0.60 -44.66 0.86
CA ASN A 263 0.33 -44.49 -0.23
C ASN A 263 0.23 -43.08 -0.85
N LEU A 264 0.76 -42.07 -0.16
CA LEU A 264 0.75 -40.67 -0.65
C LEU A 264 1.70 -40.56 -1.83
N PRO A 265 1.26 -39.93 -2.95
CA PRO A 265 2.12 -39.84 -4.15
C PRO A 265 3.51 -39.23 -3.83
N PRO A 266 4.60 -39.85 -4.32
CA PRO A 266 5.94 -39.32 -3.99
C PRO A 266 6.25 -37.98 -4.64
N THR A 267 5.32 -37.49 -5.49
CA THR A 267 5.43 -36.19 -6.14
C THR A 267 4.95 -35.07 -5.23
N LEU A 268 4.28 -35.41 -4.13
CA LEU A 268 3.88 -34.39 -3.18
C LEU A 268 5.06 -33.94 -2.31
N THR A 269 5.11 -32.63 -2.12
CA THR A 269 6.02 -31.89 -1.26
C THR A 269 5.51 -32.10 0.17
N ASP A 270 6.37 -31.79 1.14
CA ASP A 270 6.00 -31.92 2.57
C ASP A 270 4.77 -31.06 2.93
N SER A 271 4.70 -29.85 2.38
CA SER A 271 3.59 -28.91 2.53
C SER A 271 2.33 -29.44 1.88
N GLN A 272 2.50 -30.02 0.67
CA GLN A 272 1.41 -30.62 -0.11
C GLN A 272 0.84 -31.80 0.66
N VAL A 273 1.69 -32.62 1.29
CA VAL A 273 1.24 -33.73 2.12
C VAL A 273 0.38 -33.23 3.28
N SER A 274 0.86 -32.25 4.02
CA SER A 274 0.12 -31.63 5.12
C SER A 274 -1.21 -31.07 4.64
N SER A 275 -1.19 -30.37 3.47
CA SER A 275 -2.39 -29.81 2.86
C SER A 275 -3.39 -30.90 2.47
N VAL A 276 -2.90 -31.95 1.82
CA VAL A 276 -3.71 -33.10 1.39
C VAL A 276 -4.32 -33.82 2.57
N ARG A 277 -3.52 -34.04 3.63
CA ARG A 277 -3.97 -34.74 4.84
C ARG A 277 -4.99 -33.92 5.66
N LYS A 278 -4.84 -32.60 5.66
CA LYS A 278 -5.77 -31.78 6.39
C LYS A 278 -7.14 -31.79 5.72
N SER A 279 -7.14 -31.80 4.37
CA SER A 279 -8.37 -31.85 3.60
C SER A 279 -9.01 -33.25 3.75
N LEU A 280 -8.18 -34.31 3.68
CA LEU A 280 -8.63 -35.69 3.86
C LEU A 280 -9.33 -35.86 5.21
N LYS A 281 -8.73 -35.32 6.28
CA LYS A 281 -9.31 -35.30 7.62
C LYS A 281 -10.70 -34.72 7.64
N MET A 282 -10.88 -33.56 7.01
CA MET A 282 -12.15 -32.90 6.93
C MET A 282 -13.21 -33.69 6.19
N GLN A 283 -12.82 -34.32 5.09
CA GLN A 283 -13.72 -35.14 4.29
C GLN A 283 -14.17 -36.33 5.12
N LEU A 284 -13.23 -36.98 5.81
CA LEU A 284 -13.56 -38.12 6.67
C LEU A 284 -14.52 -37.73 7.81
N GLN A 285 -14.32 -36.55 8.39
CA GLN A 285 -15.20 -36.09 9.45
C GLN A 285 -16.63 -35.89 8.96
N THR A 286 -16.78 -35.29 7.77
CA THR A 286 -18.04 -35.13 7.09
C THR A 286 -18.77 -36.41 6.78
N LEU A 287 -18.03 -37.41 6.30
CA LEU A 287 -18.59 -38.70 5.98
C LEU A 287 -19.05 -39.48 7.21
N LEU A 288 -18.31 -39.34 8.30
CA LEU A 288 -18.63 -40.01 9.58
C LEU A 288 -19.99 -39.53 10.11
N LYS A 289 -20.37 -38.27 9.78
CA LYS A 289 -21.67 -37.71 10.18
C LYS A 289 -22.83 -38.32 9.41
N ASN A 290 -22.58 -38.87 8.22
CA ASN A 290 -23.60 -39.52 7.43
C ASN A 290 -24.03 -40.85 8.03
N ARG A 291 -25.35 -41.07 8.05
CA ARG A 291 -25.92 -42.32 8.63
C ARG A 291 -25.47 -43.56 7.81
N GLY A 292 -25.22 -43.36 6.51
CA GLY A 292 -24.74 -44.38 5.58
C GLY A 292 -23.32 -44.87 5.80
N ALA A 293 -22.55 -44.14 6.62
CA ALA A 293 -21.21 -44.53 7.00
C ALA A 293 -21.14 -45.55 8.13
N PHE A 294 -22.31 -45.95 8.66
CA PHE A 294 -22.50 -46.87 9.79
C PHE A 294 -21.53 -48.05 9.70
N GLU A 295 -21.57 -48.69 8.53
CA GLU A 295 -20.75 -49.87 8.29
C GLU A 295 -19.22 -49.60 8.33
N PHE A 296 -18.82 -48.37 8.04
CA PHE A 296 -17.38 -48.03 7.90
C PHE A 296 -16.87 -47.15 9.01
N ALA A 297 -17.69 -46.98 10.06
CA ALA A 297 -17.38 -46.14 11.23
C ALA A 297 -15.98 -46.44 11.83
N SER A 298 -15.60 -47.72 11.99
CA SER A 298 -14.33 -48.11 12.59
C SER A 298 -13.15 -47.86 11.63
N THR A 299 -13.34 -48.13 10.34
CA THR A 299 -12.33 -47.79 9.32
C THR A 299 -12.05 -46.27 9.31
N ILE A 300 -13.12 -45.49 9.26
CA ILE A 300 -13.01 -44.04 9.27
C ILE A 300 -12.34 -43.54 10.53
N ARG A 301 -12.72 -44.09 11.69
CA ARG A 301 -12.09 -43.79 12.96
C ARG A 301 -10.58 -44.08 12.92
N GLY A 302 -10.20 -45.24 12.39
CA GLY A 302 -8.80 -45.62 12.22
C GLY A 302 -7.98 -44.56 11.53
N MET A 303 -8.48 -44.07 10.40
CA MET A 303 -7.83 -43.02 9.59
C MET A 303 -7.79 -41.67 10.31
N LEU A 304 -8.87 -41.28 10.99
CA LEU A 304 -8.94 -40.06 11.76
C LEU A 304 -7.93 -40.07 12.91
N VAL A 305 -7.72 -41.24 13.51
CA VAL A 305 -6.72 -41.40 14.57
C VAL A 305 -5.33 -41.20 13.93
N ASP A 306 -5.08 -41.82 12.76
CA ASP A 306 -3.83 -41.62 11.98
C ASP A 306 -3.57 -40.16 11.63
N LEU A 307 -4.66 -39.39 11.41
CA LEU A 307 -4.58 -37.99 11.04
C LEU A 307 -4.71 -37.01 12.23
N GLY A 308 -4.56 -37.55 13.44
CA GLY A 308 -4.48 -36.78 14.66
C GLY A 308 -5.73 -36.42 15.40
N SER A 309 -6.90 -36.93 15.01
CA SER A 309 -8.13 -36.69 15.78
C SER A 309 -8.12 -37.44 17.11
N SER A 310 -8.72 -36.88 18.13
CA SER A 310 -8.83 -37.58 19.44
C SER A 310 -10.03 -38.51 19.41
N THR A 311 -10.03 -39.48 20.34
CA THR A 311 -11.11 -40.41 20.52
C THR A 311 -12.44 -39.71 20.67
N ASN A 312 -12.44 -38.65 21.50
CA ASN A 312 -13.66 -37.88 21.77
C ASN A 312 -14.10 -36.99 20.65
N GLU A 313 -13.15 -36.47 19.85
CA GLU A 313 -13.51 -35.68 18.65
C GLU A 313 -14.24 -36.54 17.65
N ILE A 314 -13.72 -37.75 17.38
CA ILE A 314 -14.33 -38.73 16.47
C ILE A 314 -15.68 -39.22 16.97
N GLN A 315 -15.74 -39.57 18.25
CA GLN A 315 -16.92 -40.07 18.90
C GLN A 315 -18.11 -39.15 18.75
N LYS A 316 -17.89 -37.83 18.95
CA LYS A 316 -18.94 -36.79 18.82
C LYS A 316 -19.55 -36.68 17.42
N LEU A 317 -18.81 -37.10 16.39
CA LEU A 317 -19.32 -37.08 15.03
C LEU A 317 -20.29 -38.16 14.64
N ILE A 318 -20.17 -39.32 15.26
CA ILE A 318 -21.05 -40.45 14.95
C ILE A 318 -22.52 -40.19 15.28
N PRO A 319 -23.42 -40.34 14.30
CA PRO A 319 -24.84 -40.09 14.56
C PRO A 319 -25.44 -41.12 15.50
N LYS A 320 -26.34 -40.65 16.40
CA LYS A 320 -27.05 -41.50 17.35
C LYS A 320 -28.10 -42.28 16.58
N MET A 321 -28.15 -43.60 16.79
CA MET A 321 -29.18 -44.42 16.18
C MET A 321 -29.95 -45.26 17.20
N ASP A 322 -31.25 -45.44 16.96
CA ASP A 322 -32.03 -46.33 17.79
C ASP A 322 -31.69 -47.80 17.41
N LYS A 323 -31.87 -48.72 18.36
CA LYS A 323 -31.39 -50.11 18.24
C LYS A 323 -32.11 -50.89 17.15
N GLN A 324 -33.37 -50.53 16.90
CA GLN A 324 -34.14 -51.17 15.83
C GLN A 324 -33.55 -50.72 14.44
N GLU A 325 -33.17 -49.44 14.35
CA GLU A 325 -32.57 -48.90 13.12
C GLU A 325 -31.22 -49.60 12.84
N MET A 326 -30.43 -49.77 13.88
CA MET A 326 -29.12 -50.46 13.82
C MET A 326 -29.31 -51.91 13.37
N ALA A 327 -30.29 -52.59 13.95
CA ALA A 327 -30.61 -53.99 13.64
C ALA A 327 -31.01 -54.15 12.15
N ARG A 328 -31.79 -53.16 11.62
CA ARG A 328 -32.17 -53.13 10.20
C ARG A 328 -30.94 -53.08 9.30
N ARG A 329 -29.99 -52.19 9.68
CA ARG A 329 -28.75 -51.93 8.98
C ARG A 329 -27.78 -53.11 9.15
N GLN A 330 -27.54 -53.55 10.39
CA GLN A 330 -26.65 -54.65 10.73
C GLN A 330 -26.98 -55.93 9.99
N LYS A 331 -28.32 -56.19 9.80
CA LYS A 331 -28.87 -57.34 9.11
C LYS A 331 -28.88 -57.16 7.58
N ARG A 332 -29.07 -55.90 7.07
CA ARG A 332 -28.89 -55.59 5.65
C ARG A 332 -27.43 -55.80 5.20
N ILE A 333 -26.46 -55.48 6.10
CA ILE A 333 -25.02 -55.62 5.86
C ILE A 333 -24.69 -57.13 5.88
N LEU A 334 -25.34 -57.92 6.79
CA LEU A 334 -25.15 -59.40 6.83
C LEU A 334 -25.69 -60.13 5.60
N GLU A 335 -26.86 -59.73 5.08
CA GLU A 335 -27.50 -60.36 3.90
C GLU A 335 -26.78 -59.99 2.59
N ASN A 336 -26.19 -58.78 2.50
CA ASN A 336 -25.49 -58.34 1.28
C ASN A 336 -24.12 -59.02 1.12
N ALA A 337 -23.48 -59.40 2.25
CA ALA A 337 -22.17 -60.10 2.28
C ALA A 337 -22.25 -61.54 1.78
N ALA A 338 -23.46 -62.16 1.87
CA ALA A 338 -23.73 -63.51 1.34
C ALA A 338 -24.25 -63.49 -0.10
N PRO B 9 -1.60 -4.62 -11.03
CA PRO B 9 -1.23 -4.78 -12.44
C PRO B 9 -2.10 -5.81 -13.16
N SER B 10 -2.14 -7.04 -12.62
CA SER B 10 -2.96 -8.15 -13.11
C SER B 10 -4.36 -8.14 -12.42
N LYS B 11 -5.26 -9.00 -12.87
CA LYS B 11 -6.69 -8.94 -12.54
C LYS B 11 -7.04 -9.97 -11.50
N LEU B 12 -6.20 -10.04 -10.46
CA LEU B 12 -6.40 -11.00 -9.34
C LEU B 12 -7.26 -10.43 -8.24
N ALA B 13 -8.34 -11.13 -7.90
CA ALA B 13 -9.15 -10.78 -6.73
C ALA B 13 -8.57 -11.51 -5.51
N VAL B 14 -8.01 -10.76 -4.56
CA VAL B 14 -7.36 -11.29 -3.36
C VAL B 14 -8.12 -10.93 -2.09
N ALA B 15 -8.15 -11.86 -1.13
CA ALA B 15 -8.63 -11.59 0.22
C ALA B 15 -7.62 -12.06 1.25
N VAL B 16 -7.41 -11.23 2.29
CA VAL B 16 -6.55 -11.58 3.42
C VAL B 16 -7.45 -11.79 4.63
N VAL B 17 -7.27 -12.91 5.30
CA VAL B 17 -8.18 -13.27 6.41
C VAL B 17 -7.39 -13.55 7.70
N ASP B 18 -7.91 -13.03 8.80
CA ASP B 18 -7.35 -13.26 10.15
C ASP B 18 -8.46 -13.54 11.12
N SER B 19 -8.15 -13.54 12.42
CA SER B 19 -9.19 -13.65 13.48
C SER B 19 -10.09 -12.41 13.61
N SER B 20 -9.42 -11.26 13.85
CA SER B 20 -9.87 -9.95 14.15
C SER B 20 -10.48 -9.05 13.03
N ASN B 21 -9.79 -9.08 11.89
CA ASN B 21 -9.91 -8.08 10.83
C ASN B 21 -9.45 -6.74 11.39
N MET B 22 -8.37 -6.75 12.19
CA MET B 22 -7.86 -5.56 12.83
C MET B 22 -6.39 -5.29 12.58
N ASN B 23 -5.53 -6.24 12.95
CA ASN B 23 -4.09 -6.04 12.86
C ASN B 23 -3.50 -6.63 11.58
N ARG B 24 -3.40 -7.96 11.49
CA ARG B 24 -2.63 -8.60 10.42
C ARG B 24 -3.31 -8.49 9.07
N SER B 25 -4.65 -8.62 9.00
CA SER B 25 -5.31 -8.48 7.69
C SER B 25 -5.16 -7.06 7.11
N MET B 26 -5.26 -6.06 8.02
CA MET B 26 -5.22 -4.65 7.63
C MET B 26 -3.82 -4.20 7.21
N GLU B 27 -2.77 -4.78 7.81
CA GLU B 27 -1.39 -4.51 7.36
C GLU B 27 -1.15 -5.01 5.97
N ALA B 28 -1.68 -6.18 5.67
CA ALA B 28 -1.57 -6.77 4.33
C ALA B 28 -2.49 -6.07 3.33
N HIS B 29 -3.73 -5.74 3.76
CA HIS B 29 -4.71 -5.03 2.94
C HIS B 29 -4.13 -3.71 2.46
N ASN B 30 -3.55 -2.97 3.39
CA ASN B 30 -2.86 -1.70 3.18
C ASN B 30 -1.79 -1.79 2.10
N PHE B 31 -0.84 -2.71 2.28
CA PHE B 31 0.27 -2.90 1.33
C PHE B 31 -0.16 -3.45 -0.03
N LEU B 32 -1.12 -4.37 -0.08
CA LEU B 32 -1.66 -4.90 -1.35
C LEU B 32 -2.40 -3.84 -2.14
N ALA B 33 -3.22 -3.03 -1.47
CA ALA B 33 -3.98 -1.91 -2.09
C ALA B 33 -2.99 -0.90 -2.74
N LYS B 34 -1.90 -0.60 -2.01
CA LYS B 34 -0.81 0.27 -2.48
C LYS B 34 -0.04 -0.32 -3.65
N LYS B 35 -0.18 -1.62 -3.88
CA LYS B 35 0.48 -2.29 -5.01
C LYS B 35 -0.47 -2.40 -6.17
N GLY B 36 -1.68 -1.89 -5.97
CA GLY B 36 -2.71 -1.82 -7.01
C GLY B 36 -3.64 -3.01 -7.13
N PHE B 37 -3.65 -3.89 -6.12
CA PHE B 37 -4.42 -5.13 -6.16
C PHE B 37 -5.84 -4.90 -5.73
N ASN B 38 -6.75 -5.67 -6.35
CA ASN B 38 -8.15 -5.74 -5.97
C ASN B 38 -8.20 -6.63 -4.72
N VAL B 39 -8.04 -5.98 -3.57
CA VAL B 39 -7.89 -6.67 -2.27
C VAL B 39 -9.06 -6.32 -1.34
N ARG B 40 -9.50 -7.32 -0.59
CA ARG B 40 -10.46 -7.19 0.50
C ARG B 40 -9.92 -7.97 1.69
N SER B 41 -10.43 -7.69 2.87
CA SER B 41 -9.94 -8.38 4.08
C SER B 41 -11.11 -8.75 4.95
N TYR B 42 -10.91 -9.79 5.77
CA TYR B 42 -11.97 -10.29 6.69
C TYR B 42 -11.39 -10.92 7.92
N GLY B 43 -12.27 -11.13 8.89
CA GLY B 43 -11.93 -11.76 10.18
C GLY B 43 -12.81 -13.00 10.29
N THR B 44 -12.27 -14.06 10.89
CA THR B 44 -12.97 -15.36 11.02
C THR B 44 -13.60 -15.59 12.37
N GLY B 45 -13.21 -14.77 13.36
CA GLY B 45 -13.76 -14.78 14.74
C GLY B 45 -15.25 -14.47 14.80
N GLU B 46 -15.83 -14.70 15.99
CA GLU B 46 -17.26 -14.46 16.23
C GLU B 46 -17.50 -12.93 16.39
N ARG B 47 -16.57 -12.33 17.14
CA ARG B 47 -16.55 -10.89 17.49
C ARG B 47 -15.10 -10.37 17.43
N VAL B 48 -14.97 -9.04 17.37
CA VAL B 48 -13.69 -8.34 17.19
C VAL B 48 -13.00 -8.22 18.56
N LYS B 49 -11.83 -8.85 18.71
CA LYS B 49 -11.13 -8.91 20.00
C LYS B 49 -9.80 -8.17 20.00
N LEU B 50 -9.66 -7.18 20.89
CA LEU B 50 -8.46 -6.33 21.05
C LEU B 50 -7.91 -6.43 22.47
N PRO B 51 -6.57 -6.30 22.65
CA PRO B 51 -6.01 -6.29 24.04
C PRO B 51 -6.44 -5.08 24.85
N ALA B 54 -5.50 -6.25 30.75
CA ALA B 54 -5.16 -7.56 31.32
C ALA B 54 -5.46 -8.70 30.32
N PHE B 55 -4.80 -9.85 30.52
CA PHE B 55 -4.90 -11.00 29.61
C PHE B 55 -6.32 -11.59 29.60
N ASP B 56 -6.97 -11.63 30.75
CA ASP B 56 -8.35 -12.12 30.88
C ASP B 56 -9.40 -11.03 30.57
N LYS B 57 -8.94 -9.79 30.39
CA LYS B 57 -9.83 -8.66 30.13
C LYS B 57 -9.57 -8.01 28.74
N PRO B 58 -10.16 -8.55 27.66
CA PRO B 58 -10.02 -7.96 26.32
C PRO B 58 -11.16 -7.02 25.92
N ASN B 59 -10.93 -6.26 24.83
CA ASN B 59 -11.86 -5.25 24.34
C ASN B 59 -12.61 -5.85 23.15
N VAL B 60 -13.89 -6.14 23.38
CA VAL B 60 -14.75 -6.85 22.46
C VAL B 60 -15.75 -5.95 21.78
N TYR B 61 -15.89 -6.11 20.46
CA TYR B 61 -16.92 -5.44 19.67
C TYR B 61 -17.49 -6.34 18.57
N GLU B 62 -18.68 -5.99 18.09
CA GLU B 62 -19.38 -6.76 17.07
C GLU B 62 -18.76 -6.54 15.70
N PHE B 63 -18.87 -7.53 14.80
CA PHE B 63 -18.54 -7.32 13.37
C PHE B 63 -19.67 -6.50 12.74
N GLY B 64 -19.29 -5.39 12.12
CA GLY B 64 -20.21 -4.39 11.58
C GLY B 64 -20.06 -3.05 12.29
N THR B 65 -19.43 -3.03 13.46
CA THR B 65 -19.05 -1.84 14.23
C THR B 65 -18.03 -1.05 13.45
N LYS B 66 -18.34 0.20 13.09
CA LYS B 66 -17.38 1.14 12.50
C LYS B 66 -16.07 1.20 13.30
N TYR B 67 -14.94 1.34 12.59
CA TYR B 67 -13.61 1.46 13.21
C TYR B 67 -13.55 2.76 14.05
N GLU B 68 -14.26 3.78 13.55
CA GLU B 68 -14.35 5.09 14.22
C GLU B 68 -15.10 5.03 15.55
N ASP B 69 -16.16 4.23 15.62
CA ASP B 69 -16.91 4.00 16.87
C ASP B 69 -16.05 3.28 17.90
N ILE B 70 -15.19 2.35 17.46
CA ILE B 70 -14.25 1.62 18.33
C ILE B 70 -13.16 2.59 18.84
N TYR B 71 -12.76 3.53 17.98
CA TYR B 71 -11.77 4.59 18.30
C TYR B 71 -12.30 5.44 19.46
N ARG B 72 -13.52 6.00 19.30
CA ARG B 72 -14.22 6.83 20.30
C ARG B 72 -14.59 6.09 21.60
N ASP B 73 -14.79 4.77 21.51
CA ASP B 73 -15.07 3.95 22.68
C ASP B 73 -13.83 3.79 23.54
N LEU B 74 -12.70 3.47 22.91
CA LEU B 74 -11.40 3.29 23.58
C LEU B 74 -10.80 4.61 24.01
N GLU B 75 -11.22 5.71 23.37
CA GLU B 75 -10.77 7.08 23.68
C GLU B 75 -11.36 7.50 25.00
N SER B 76 -12.68 7.35 25.12
CA SER B 76 -13.44 7.74 26.31
C SER B 76 -13.19 6.81 27.49
N LYS B 77 -12.80 5.55 27.21
CA LYS B 77 -12.44 4.59 28.28
C LYS B 77 -11.10 5.02 28.88
N ASP B 78 -10.05 5.02 28.07
CA ASP B 78 -8.70 5.44 28.45
C ASP B 78 -7.89 5.82 27.19
N LYS B 79 -7.84 7.12 26.93
CA LYS B 79 -7.13 7.64 25.76
C LYS B 79 -5.60 7.43 25.87
N GLU B 80 -5.02 7.48 27.10
CA GLU B 80 -3.60 7.33 27.30
C GLU B 80 -3.06 5.92 27.05
N PHE B 81 -3.70 4.86 27.59
CA PHE B 81 -3.25 3.47 27.41
C PHE B 81 -3.16 3.01 25.94
N TYR B 82 -4.20 3.33 25.17
CA TYR B 82 -4.30 2.95 23.76
C TYR B 82 -3.54 3.89 22.82
N THR B 83 -2.79 4.85 23.39
CA THR B 83 -1.86 5.73 22.67
C THR B 83 -0.47 5.14 22.84
N GLN B 84 -0.19 4.59 24.03
CA GLN B 84 1.10 3.97 24.38
C GLN B 84 1.32 2.63 23.70
N ASN B 85 0.25 1.86 23.53
CA ASN B 85 0.36 0.54 22.87
C ASN B 85 0.15 0.60 21.35
N GLY B 86 -0.07 1.82 20.84
CA GLY B 86 -0.26 2.10 19.41
C GLY B 86 -1.54 1.58 18.76
N LEU B 87 -2.54 1.20 19.55
CA LEU B 87 -3.83 0.72 19.03
C LEU B 87 -4.67 1.77 18.35
N LEU B 88 -4.52 3.04 18.75
CA LEU B 88 -5.24 4.14 18.10
C LEU B 88 -4.59 4.45 16.72
N HIS B 89 -3.28 4.24 16.62
CA HIS B 89 -2.55 4.35 15.36
C HIS B 89 -3.00 3.27 14.36
N MET B 90 -3.24 2.06 14.84
CA MET B 90 -3.82 0.98 14.04
C MET B 90 -5.25 1.26 13.58
N LEU B 91 -6.09 1.72 14.51
CA LEU B 91 -7.47 2.10 14.20
C LEU B 91 -7.58 3.25 13.17
N ASP B 92 -6.59 4.14 13.14
CA ASP B 92 -6.40 5.22 12.22
C ASP B 92 -6.24 4.64 10.77
N ARG B 93 -5.35 3.67 10.68
CA ARG B 93 -4.98 3.06 9.42
C ARG B 93 -6.18 2.40 8.80
N ASN B 94 -6.89 1.65 9.65
CA ASN B 94 -8.04 0.84 9.22
C ASN B 94 -9.23 1.71 8.78
N ARG B 95 -9.52 2.79 9.53
CA ARG B 95 -10.62 3.70 9.20
C ARG B 95 -10.38 4.38 7.84
N ARG B 96 -9.11 4.54 7.45
CA ARG B 96 -8.71 5.07 6.12
C ARG B 96 -8.89 4.05 5.01
N ILE B 97 -8.80 2.76 5.34
CA ILE B 97 -8.98 1.74 4.36
C ILE B 97 -10.46 1.43 4.13
N LYS B 98 -11.25 1.18 5.19
CA LYS B 98 -12.71 1.03 5.07
C LYS B 98 -13.44 1.37 6.35
N LYS B 99 -14.78 1.41 6.26
CA LYS B 99 -15.70 1.84 7.36
C LYS B 99 -15.66 0.99 8.62
N CYS B 100 -16.00 -0.30 8.44
CA CYS B 100 -16.14 -1.31 9.52
C CYS B 100 -15.43 -2.66 9.19
N PRO B 101 -14.84 -3.35 10.21
CA PRO B 101 -14.31 -4.69 9.97
C PRO B 101 -15.40 -5.70 9.61
N GLU B 102 -15.07 -6.61 8.67
CA GLU B 102 -16.06 -7.57 8.16
C GLU B 102 -15.71 -9.01 8.46
N ARG B 103 -16.76 -9.83 8.45
CA ARG B 103 -16.64 -11.25 8.75
C ARG B 103 -16.70 -12.05 7.47
N PHE B 104 -15.70 -12.95 7.30
CA PHE B 104 -15.55 -13.78 6.13
C PHE B 104 -16.75 -14.69 5.88
N GLN B 105 -17.27 -15.26 6.98
CA GLN B 105 -18.37 -16.22 6.96
C GLN B 105 -19.69 -15.59 6.49
N ASP B 106 -19.74 -14.25 6.47
CA ASP B 106 -20.95 -13.53 6.04
C ASP B 106 -20.87 -12.95 4.62
N THR B 107 -19.65 -12.85 4.05
CA THR B 107 -19.51 -12.21 2.73
C THR B 107 -19.94 -13.09 1.56
N LYS B 108 -20.45 -12.44 0.53
CA LYS B 108 -20.89 -13.12 -0.72
C LYS B 108 -19.90 -12.76 -1.84
N GLU B 109 -18.77 -12.13 -1.49
CA GLU B 109 -17.73 -11.81 -2.47
C GLU B 109 -16.91 -13.06 -2.86
N GLN B 110 -16.46 -13.11 -4.11
CA GLN B 110 -15.67 -14.22 -4.63
C GLN B 110 -14.22 -13.78 -4.97
N PHE B 111 -13.27 -14.66 -4.70
CA PHE B 111 -11.86 -14.40 -4.88
C PHE B 111 -11.16 -15.47 -5.76
N ASP B 112 -9.98 -15.12 -6.25
CA ASP B 112 -9.10 -16.04 -6.93
C ASP B 112 -8.14 -16.68 -5.97
N ILE B 113 -7.66 -15.85 -5.02
CA ILE B 113 -6.78 -16.22 -3.91
C ILE B 113 -7.30 -15.69 -2.60
N ILE B 114 -7.22 -16.54 -1.58
CA ILE B 114 -7.49 -16.24 -0.18
C ILE B 114 -6.27 -16.58 0.64
N VAL B 115 -5.79 -15.63 1.42
CA VAL B 115 -4.63 -15.87 2.22
C VAL B 115 -5.01 -15.75 3.70
N THR B 116 -4.73 -16.79 4.48
CA THR B 116 -4.98 -16.79 5.91
C THR B 116 -3.64 -16.58 6.61
N VAL B 117 -3.69 -15.97 7.79
CA VAL B 117 -2.49 -15.58 8.54
C VAL B 117 -2.09 -16.55 9.62
N GLU B 118 -2.95 -17.53 9.96
CA GLU B 118 -2.53 -18.70 10.69
C GLU B 118 -3.42 -19.93 10.40
N GLU B 119 -2.85 -21.12 10.64
CA GLU B 119 -3.49 -22.42 10.41
C GLU B 119 -4.91 -22.55 11.00
N ARG B 120 -5.10 -21.98 12.19
CA ARG B 120 -6.38 -21.98 12.89
C ARG B 120 -7.43 -21.19 12.07
N VAL B 121 -6.99 -20.07 11.43
CA VAL B 121 -7.84 -19.27 10.51
C VAL B 121 -8.16 -20.02 9.24
N TYR B 122 -7.12 -20.62 8.66
CA TYR B 122 -7.23 -21.49 7.52
C TYR B 122 -8.32 -22.55 7.69
N ASP B 123 -8.28 -23.24 8.82
CA ASP B 123 -9.28 -24.25 9.14
C ASP B 123 -10.69 -23.65 9.12
N LEU B 124 -10.83 -22.47 9.71
CA LEU B 124 -12.10 -21.76 9.80
C LEU B 124 -12.67 -21.38 8.44
N VAL B 125 -11.79 -20.89 7.58
CA VAL B 125 -12.16 -20.55 6.22
C VAL B 125 -12.61 -21.78 5.43
N VAL B 126 -11.80 -22.83 5.49
CA VAL B 126 -12.01 -24.07 4.76
C VAL B 126 -13.30 -24.74 5.21
N MET B 127 -13.51 -24.79 6.53
CA MET B 127 -14.73 -25.36 7.11
C MET B 127 -15.95 -24.65 6.57
N HIS B 128 -15.90 -23.31 6.61
CA HIS B 128 -17.00 -22.47 6.16
C HIS B 128 -17.35 -22.67 4.69
N MET B 129 -16.35 -22.61 3.83
CA MET B 129 -16.49 -22.73 2.40
C MET B 129 -17.05 -24.07 2.00
N GLU B 130 -16.60 -25.08 2.73
CA GLU B 130 -17.02 -26.47 2.46
C GLU B 130 -18.44 -26.72 2.87
N SER B 131 -18.84 -26.04 3.96
CA SER B 131 -20.18 -26.12 4.55
C SER B 131 -21.32 -25.64 3.62
N MET B 132 -20.94 -24.82 2.61
CA MET B 132 -21.85 -24.26 1.61
C MET B 132 -21.76 -24.98 0.28
N GLU B 133 -22.91 -25.38 -0.24
CA GLU B 133 -23.02 -26.12 -1.49
C GLU B 133 -22.54 -25.23 -2.64
N SER B 134 -21.80 -25.82 -3.54
CA SER B 134 -21.20 -25.06 -4.61
C SER B 134 -22.23 -24.81 -5.69
N VAL B 135 -22.24 -23.58 -6.20
CA VAL B 135 -23.20 -23.17 -7.24
C VAL B 135 -22.50 -22.88 -8.57
N ASP B 136 -21.55 -21.95 -8.55
CA ASP B 136 -20.83 -21.57 -9.77
C ASP B 136 -19.77 -22.61 -10.18
N ASN B 137 -19.38 -23.47 -9.24
CA ASN B 137 -18.39 -24.47 -9.48
C ASN B 137 -17.01 -23.84 -9.72
N ARG B 138 -16.82 -22.65 -9.16
CA ARG B 138 -15.62 -21.86 -9.36
C ARG B 138 -14.60 -22.13 -8.24
N PRO B 139 -13.42 -22.63 -8.57
CA PRO B 139 -12.39 -22.89 -7.57
C PRO B 139 -11.65 -21.63 -7.13
N VAL B 140 -11.12 -21.69 -5.92
CA VAL B 140 -10.34 -20.61 -5.32
C VAL B 140 -9.21 -21.23 -4.48
N HIS B 141 -8.03 -20.64 -4.60
CA HIS B 141 -6.85 -21.10 -3.91
C HIS B 141 -6.81 -20.47 -2.55
N VAL B 142 -6.68 -21.30 -1.52
CA VAL B 142 -6.59 -20.87 -0.12
C VAL B 142 -5.18 -21.22 0.31
N LEU B 143 -4.47 -20.20 0.72
CA LEU B 143 -3.06 -20.29 1.10
C LEU B 143 -2.92 -19.84 2.54
N ASN B 144 -2.03 -20.49 3.32
CA ASN B 144 -1.77 -20.04 4.66
C ASN B 144 -0.33 -19.60 4.87
N VAL B 145 -0.20 -18.37 5.35
CA VAL B 145 1.08 -17.78 5.65
C VAL B 145 0.99 -17.33 7.09
N ASP B 146 1.79 -18.00 7.93
CA ASP B 146 1.79 -17.79 9.35
C ASP B 146 2.35 -16.41 9.78
N VAL B 147 1.53 -15.67 10.46
CA VAL B 147 1.92 -14.35 10.94
C VAL B 147 1.63 -14.28 12.41
N VAL B 148 2.69 -14.10 13.21
CA VAL B 148 2.60 -14.08 14.70
C VAL B 148 1.86 -12.81 15.13
N ASN B 149 0.86 -12.93 16.01
CA ASN B 149 -0.05 -11.78 16.26
C ASN B 149 0.52 -10.75 17.26
N ASN B 150 1.32 -9.82 16.70
CA ASN B 150 1.88 -8.65 17.36
C ASN B 150 2.25 -7.63 16.27
N ALA B 151 2.37 -6.37 16.65
CA ALA B 151 2.46 -5.23 15.71
C ALA B 151 3.62 -5.36 14.73
N GLU B 152 4.78 -5.68 15.32
CA GLU B 152 6.04 -5.87 14.60
C GLU B 152 6.01 -6.99 13.58
N ASP B 153 5.49 -8.16 13.99
CA ASP B 153 5.41 -9.34 13.13
C ASP B 153 4.29 -9.23 12.09
N ALA B 154 3.20 -8.52 12.41
CA ALA B 154 2.10 -8.25 11.46
C ALA B 154 2.61 -7.40 10.27
N LEU B 155 3.56 -6.53 10.55
CA LEU B 155 4.18 -5.69 9.52
C LEU B 155 5.13 -6.49 8.62
N MET B 156 6.01 -7.29 9.21
CA MET B 156 6.93 -8.15 8.50
C MET B 156 6.20 -9.18 7.63
N GLY B 157 5.14 -9.75 8.22
CA GLY B 157 4.26 -10.70 7.56
C GLY B 157 3.56 -10.15 6.34
N ALA B 158 3.04 -8.92 6.46
CA ALA B 158 2.38 -8.19 5.39
C ALA B 158 3.32 -7.98 4.21
N PHE B 159 4.62 -7.86 4.46
CA PHE B 159 5.62 -7.76 3.37
C PHE B 159 5.80 -9.08 2.64
N VAL B 160 5.77 -10.18 3.39
CA VAL B 160 5.88 -11.52 2.83
C VAL B 160 4.69 -11.87 1.94
N ILE B 161 3.48 -11.70 2.49
CA ILE B 161 2.25 -11.86 1.74
C ILE B 161 2.18 -11.04 0.47
N THR B 162 2.62 -9.78 0.55
CA THR B 162 2.67 -8.90 -0.62
C THR B 162 3.67 -9.49 -1.64
N ASP B 163 4.82 -9.93 -1.14
CA ASP B 163 5.87 -10.52 -1.99
C ASP B 163 5.35 -11.76 -2.73
N MET B 164 4.60 -12.57 -2.00
CA MET B 164 4.03 -13.80 -2.52
C MET B 164 2.95 -13.54 -3.54
N ILE B 165 2.08 -12.56 -3.26
CA ILE B 165 1.05 -12.25 -4.22
C ILE B 165 1.63 -11.60 -5.47
N ASN B 166 2.76 -10.88 -5.37
CA ASN B 166 3.37 -10.21 -6.49
C ASN B 166 3.89 -11.27 -7.46
N MET B 167 4.52 -12.29 -6.89
CA MET B 167 5.10 -13.42 -7.65
C MET B 167 3.99 -14.16 -8.43
N MET B 168 2.88 -14.38 -7.75
CA MET B 168 1.69 -15.02 -8.30
C MET B 168 1.01 -14.17 -9.35
N ALA B 169 1.02 -12.85 -9.18
CA ALA B 169 0.45 -11.92 -10.15
C ALA B 169 1.21 -11.91 -11.48
N LYS B 170 2.51 -12.15 -11.41
CA LYS B 170 3.39 -12.28 -12.58
C LYS B 170 3.08 -13.45 -13.49
N SER B 171 2.49 -14.50 -12.97
CA SER B 171 2.21 -15.73 -13.74
C SER B 171 1.11 -15.52 -14.75
N THR B 172 1.35 -16.05 -15.96
CA THR B 172 0.46 -15.89 -17.11
C THR B 172 -0.63 -16.98 -17.04
N ASP B 173 -0.43 -18.03 -16.23
CA ASP B 173 -1.45 -19.04 -15.93
C ASP B 173 -1.24 -19.51 -14.48
N LEU B 174 -1.91 -18.84 -13.54
CA LEU B 174 -1.68 -19.10 -12.12
C LEU B 174 -1.99 -20.57 -11.72
N ASP B 175 -3.20 -21.06 -12.01
CA ASP B 175 -3.58 -22.46 -11.78
C ASP B 175 -2.51 -23.45 -12.19
N ASN B 176 -1.92 -23.22 -13.34
CA ASN B 176 -0.98 -24.20 -13.89
C ASN B 176 0.43 -24.09 -13.34
N ASP B 177 0.74 -22.97 -12.67
CA ASP B 177 2.09 -22.64 -12.20
C ASP B 177 2.18 -22.54 -10.68
N ILE B 178 1.03 -22.39 -10.00
CA ILE B 178 1.00 -22.06 -8.59
C ILE B 178 1.77 -23.01 -7.68
N ASP B 179 1.65 -24.35 -7.88
CA ASP B 179 2.35 -25.31 -7.01
C ASP B 179 3.91 -25.12 -7.07
N GLU B 180 4.48 -24.93 -8.27
CA GLU B 180 5.90 -24.68 -8.47
C GLU B 180 6.28 -23.38 -7.77
N LEU B 181 5.49 -22.32 -8.00
CA LEU B 181 5.73 -21.00 -7.43
C LEU B 181 5.78 -21.09 -5.92
N ILE B 182 4.78 -21.70 -5.31
CA ILE B 182 4.74 -21.87 -3.84
C ILE B 182 5.96 -22.64 -3.37
N GLN B 183 6.26 -23.75 -4.03
CA GLN B 183 7.33 -24.68 -3.66
C GLN B 183 8.62 -23.94 -3.57
N GLU B 184 8.96 -23.16 -4.62
CA GLU B 184 10.22 -22.41 -4.62
C GLU B 184 10.17 -21.20 -3.67
N PHE B 185 9.03 -20.56 -3.51
CA PHE B 185 8.85 -19.47 -2.58
C PHE B 185 9.08 -19.90 -1.17
N GLU B 186 8.52 -21.04 -0.78
CA GLU B 186 8.71 -21.70 0.53
C GLU B 186 10.18 -21.93 0.78
N GLU B 187 10.92 -22.42 -0.22
CA GLU B 187 12.34 -22.69 -0.09
C GLU B 187 13.13 -21.41 0.17
N ARG B 188 13.00 -20.44 -0.74
CA ARG B 188 13.71 -19.18 -0.65
C ARG B 188 13.41 -18.42 0.67
N ARG B 189 12.15 -18.34 1.08
CA ARG B 189 11.76 -17.65 2.29
C ARG B 189 11.74 -18.51 3.55
N LYS B 190 12.17 -19.78 3.45
CA LYS B 190 12.17 -20.74 4.58
C LYS B 190 10.85 -20.74 5.38
N ARG B 191 9.76 -20.95 4.65
CA ARG B 191 8.41 -20.96 5.25
C ARG B 191 7.58 -22.13 4.75
N VAL B 192 6.46 -22.38 5.43
CA VAL B 192 5.54 -23.46 5.02
C VAL B 192 4.22 -22.84 4.65
N ILE B 193 3.82 -22.99 3.40
CA ILE B 193 2.58 -22.43 2.92
C ILE B 193 1.58 -23.56 2.61
N LEU B 194 0.62 -23.75 3.49
CA LEU B 194 -0.45 -24.70 3.25
C LEU B 194 -1.28 -24.16 2.10
N HIS B 195 -1.64 -25.04 1.20
CA HIS B 195 -2.35 -24.65 -0.01
C HIS B 195 -3.41 -25.68 -0.39
N SER B 196 -4.64 -25.22 -0.42
CA SER B 196 -5.84 -25.99 -0.67
C SER B 196 -6.71 -25.29 -1.75
N VAL B 197 -7.69 -26.01 -2.29
CA VAL B 197 -8.59 -25.48 -3.29
C VAL B 197 -10.04 -25.71 -2.85
N LEU B 198 -10.83 -24.65 -2.86
CA LEU B 198 -12.24 -24.70 -2.42
C LEU B 198 -13.13 -24.17 -3.53
N PHE B 199 -14.44 -24.33 -3.41
CA PHE B 199 -15.36 -24.03 -4.52
C PHE B 199 -16.56 -23.21 -4.10
N TYR B 200 -16.91 -22.27 -4.99
CA TYR B 200 -18.08 -21.41 -4.86
C TYR B 200 -19.25 -22.01 -5.64
N PRO C 30 21.73 4.67 28.71
CA PRO C 30 21.15 5.35 27.54
C PRO C 30 22.02 6.52 27.03
N SER C 31 22.43 7.37 27.98
CA SER C 31 23.27 8.53 27.75
C SER C 31 24.68 8.10 27.29
N THR C 32 25.22 7.06 27.94
CA THR C 32 26.51 6.46 27.64
C THR C 32 26.44 5.74 26.26
N LYS C 33 25.30 5.08 25.98
CA LYS C 33 25.04 4.36 24.73
C LYS C 33 25.14 5.25 23.47
N CYS C 34 24.66 6.50 23.55
CA CYS C 34 24.72 7.43 22.45
C CYS C 34 26.12 7.98 22.21
N GLU C 35 26.91 8.11 23.30
CA GLU C 35 28.32 8.52 23.24
C GLU C 35 29.14 7.44 22.56
N LEU C 36 28.91 6.19 22.96
CA LEU C 36 29.53 4.97 22.40
C LEU C 36 29.25 4.85 20.91
N LEU C 37 27.96 4.98 20.52
CA LEU C 37 27.52 4.88 19.13
C LEU C 37 28.14 5.95 18.23
N ALA C 38 28.29 7.17 18.77
CA ALA C 38 28.91 8.31 18.07
C ALA C 38 30.35 7.98 17.69
N LYS C 39 31.09 7.39 18.63
CA LYS C 39 32.49 6.93 18.47
C LYS C 39 32.57 5.78 17.45
N VAL C 40 31.56 4.90 17.48
CA VAL C 40 31.42 3.72 16.64
C VAL C 40 31.23 4.17 15.17
N GLN C 41 30.36 5.19 14.96
CA GLN C 41 30.04 5.69 13.60
C GLN C 41 31.26 6.36 12.99
N GLU C 42 31.92 7.23 13.76
CA GLU C 42 33.03 7.99 13.26
C GLU C 42 34.26 7.08 12.95
N THR C 43 34.42 5.90 13.58
CA THR C 43 35.49 5.03 13.30
C THR C 43 35.12 4.05 12.18
N VAL C 44 34.05 3.27 12.34
CA VAL C 44 33.73 2.22 11.41
C VAL C 44 33.24 2.75 10.05
N LEU C 45 32.61 3.94 9.94
CA LEU C 45 32.39 4.58 8.60
C LEU C 45 33.42 5.61 8.10
N GLY C 46 33.50 6.77 8.76
CA GLY C 46 34.28 7.90 8.22
C GLY C 46 35.75 7.58 8.00
N SER C 47 36.28 6.76 8.96
CA SER C 47 37.74 6.56 9.08
C SER C 47 38.17 5.20 8.47
N CYS C 48 37.52 4.11 8.95
CA CYS C 48 37.93 2.75 8.61
C CYS C 48 36.73 1.92 8.15
N ALA C 49 36.40 2.11 6.86
CA ALA C 49 35.16 1.58 6.24
C ALA C 49 35.10 0.05 6.19
N GLU C 50 36.24 -0.65 6.26
CA GLU C 50 36.35 -2.12 6.24
C GLU C 50 35.58 -2.81 7.38
N LEU C 51 35.57 -2.20 8.59
CA LEU C 51 34.92 -2.72 9.80
C LEU C 51 33.36 -2.80 9.80
N ALA C 52 32.76 -2.15 8.79
CA ALA C 52 31.30 -2.18 8.58
C ALA C 52 30.70 -3.56 8.34
N GLU C 53 31.37 -4.40 7.55
CA GLU C 53 30.80 -5.69 7.19
C GLU C 53 30.63 -6.67 8.38
N GLU C 54 31.62 -6.74 9.31
CA GLU C 54 31.56 -7.65 10.43
C GLU C 54 30.66 -7.22 11.61
N PHE C 55 30.40 -5.91 11.80
CA PHE C 55 29.53 -5.44 12.88
C PHE C 55 28.10 -5.08 12.39
N LEU C 56 27.69 -5.59 11.20
CA LEU C 56 26.40 -5.38 10.60
C LEU C 56 25.22 -5.72 11.44
N GLU C 57 25.10 -7.03 11.74
CA GLU C 57 24.01 -7.62 12.54
C GLU C 57 23.88 -6.99 13.94
N SER C 58 25.04 -6.57 14.49
CA SER C 58 25.16 -5.98 15.81
C SER C 58 24.43 -4.68 15.99
N VAL C 59 24.37 -3.86 14.92
CA VAL C 59 23.75 -2.54 14.97
C VAL C 59 22.22 -2.63 14.86
N LEU C 60 21.67 -3.44 13.94
CA LEU C 60 20.24 -3.64 13.71
C LEU C 60 19.44 -4.08 14.90
N SER C 61 20.08 -4.73 15.88
CA SER C 61 19.41 -5.17 17.12
C SER C 61 19.03 -3.96 17.98
N LEU C 62 19.86 -2.90 17.93
CA LEU C 62 19.68 -1.65 18.68
C LEU C 62 18.50 -0.79 18.21
N ALA C 63 17.80 -1.25 17.17
CA ALA C 63 16.58 -0.64 16.65
C ALA C 63 15.41 -0.83 17.60
N HIS C 64 15.54 -1.83 18.48
CA HIS C 64 14.54 -2.14 19.48
C HIS C 64 14.76 -1.46 20.83
N ASP C 65 15.93 -0.85 21.02
CA ASP C 65 16.30 -0.06 22.21
C ASP C 65 15.20 0.90 22.64
N SER C 66 15.08 1.11 23.95
CA SER C 66 14.00 1.95 24.44
C SER C 66 14.27 3.45 24.36
N ASN C 67 15.54 3.88 24.33
CA ASN C 67 15.86 5.30 24.11
C ASN C 67 15.71 5.70 22.65
N MET C 68 14.94 6.78 22.40
CA MET C 68 14.69 7.29 21.04
C MET C 68 15.94 7.88 20.42
N GLU C 69 16.84 8.53 21.20
CA GLU C 69 18.11 9.09 20.70
C GLU C 69 18.98 7.99 20.09
N VAL C 70 18.99 6.82 20.75
CA VAL C 70 19.73 5.62 20.33
C VAL C 70 19.15 5.17 18.98
N ARG C 71 17.82 5.06 18.90
CA ARG C 71 17.11 4.69 17.68
C ARG C 71 17.40 5.65 16.51
N LYS C 72 17.52 6.96 16.82
CA LYS C 72 17.85 8.02 15.84
C LYS C 72 19.28 7.91 15.36
N GLN C 73 20.19 7.46 16.23
CA GLN C 73 21.59 7.22 15.88
C GLN C 73 21.76 6.05 14.91
N VAL C 74 20.91 5.03 15.08
CA VAL C 74 20.80 3.86 14.19
C VAL C 74 20.44 4.31 12.79
N VAL C 75 19.46 5.22 12.72
CA VAL C 75 18.98 5.80 11.46
C VAL C 75 20.11 6.58 10.77
N ALA C 76 20.84 7.41 11.54
CA ALA C 76 22.01 8.16 11.06
C ALA C 76 23.05 7.21 10.43
N PHE C 77 23.26 6.06 11.07
CA PHE C 77 24.20 5.02 10.64
C PHE C 77 23.72 4.36 9.33
N VAL C 78 22.47 3.88 9.31
CA VAL C 78 21.86 3.25 8.13
C VAL C 78 21.87 4.18 6.91
N GLU C 79 21.66 5.49 7.14
CA GLU C 79 21.70 6.50 6.10
C GLU C 79 23.14 6.62 5.53
N GLN C 80 24.16 6.48 6.40
CA GLN C 80 25.57 6.53 5.97
C GLN C 80 25.94 5.26 5.17
N VAL C 81 25.42 4.10 5.60
CA VAL C 81 25.60 2.81 4.93
C VAL C 81 25.19 2.89 3.48
N CYS C 82 24.03 3.48 3.20
CA CYS C 82 23.53 3.61 1.83
C CYS C 82 24.30 4.65 0.99
N LYS C 83 25.08 5.52 1.66
CA LYS C 83 25.94 6.49 0.98
C LYS C 83 27.29 5.89 0.57
N VAL C 84 27.96 5.20 1.49
CA VAL C 84 29.31 4.62 1.27
C VAL C 84 29.35 3.12 0.90
N LYS C 85 28.46 2.28 1.45
CA LYS C 85 28.39 0.86 1.10
C LYS C 85 26.97 0.47 0.68
N VAL C 86 26.51 1.15 -0.37
CA VAL C 86 25.17 0.99 -0.98
C VAL C 86 24.81 -0.49 -1.31
N GLU C 87 25.79 -1.39 -1.38
CA GLU C 87 25.60 -2.83 -1.67
C GLU C 87 24.80 -3.49 -0.53
N LEU C 88 24.86 -2.90 0.67
CA LEU C 88 24.25 -3.42 1.88
C LEU C 88 22.76 -3.04 2.00
N LEU C 89 22.26 -2.22 1.06
CA LEU C 89 20.87 -1.68 1.04
C LEU C 89 19.79 -2.73 1.32
N PRO C 90 19.73 -3.91 0.65
CA PRO C 90 18.65 -4.88 0.99
C PRO C 90 18.69 -5.39 2.45
N HIS C 91 19.89 -5.41 3.04
CA HIS C 91 20.06 -5.88 4.43
C HIS C 91 19.69 -4.85 5.49
N VAL C 92 19.43 -3.61 5.10
CA VAL C 92 19.12 -2.50 6.05
C VAL C 92 17.71 -1.92 5.84
N ILE C 93 17.22 -2.03 4.61
CA ILE C 93 15.91 -1.54 4.16
C ILE C 93 14.71 -1.98 5.03
N ASN C 94 14.77 -3.15 5.68
CA ASN C 94 13.69 -3.64 6.55
C ASN C 94 13.54 -2.78 7.81
N VAL C 95 14.69 -2.45 8.42
CA VAL C 95 14.80 -1.62 9.62
C VAL C 95 14.12 -0.25 9.40
N VAL C 96 14.30 0.32 8.20
CA VAL C 96 13.73 1.59 7.77
C VAL C 96 12.20 1.54 7.78
N SER C 97 11.60 0.54 7.12
CA SER C 97 10.14 0.37 7.06
C SER C 97 9.57 0.10 8.45
N MET C 98 10.34 -0.56 9.31
CA MET C 98 9.98 -0.84 10.72
C MET C 98 9.92 0.45 11.55
N LEU C 99 10.95 1.24 11.35
CA LEU C 99 11.16 2.52 12.08
C LEU C 99 10.20 3.65 11.57
N LEU C 100 9.58 3.43 10.41
CA LEU C 100 8.55 4.30 9.83
C LEU C 100 7.20 4.04 10.50
N ARG C 101 7.11 3.05 11.41
CA ARG C 101 5.96 2.73 12.21
C ARG C 101 6.24 2.97 13.72
N ASP C 102 7.42 3.53 14.01
CA ASP C 102 7.93 3.83 15.35
C ASP C 102 6.95 4.75 16.14
N ASN C 103 7.00 4.60 17.45
CA ASN C 103 6.12 5.26 18.40
C ASN C 103 6.48 6.74 18.61
N SER C 104 7.80 7.06 18.59
CA SER C 104 8.28 8.46 18.63
C SER C 104 8.19 9.10 17.23
N ALA C 105 7.54 10.28 17.18
CA ALA C 105 7.43 11.13 15.99
C ALA C 105 8.83 11.64 15.58
N GLN C 106 9.72 11.84 16.56
CA GLN C 106 11.12 12.25 16.38
C GLN C 106 11.89 11.20 15.57
N VAL C 107 11.60 9.92 15.82
CA VAL C 107 12.21 8.80 15.10
C VAL C 107 11.65 8.79 13.67
N ILE C 108 10.32 8.85 13.53
CA ILE C 108 9.67 8.85 12.20
C ILE C 108 10.26 9.94 11.30
N LYS C 109 10.36 11.19 11.80
CA LYS C 109 10.90 12.36 11.07
C LYS C 109 12.31 12.09 10.57
N ARG C 110 13.20 11.59 11.44
CA ARG C 110 14.58 11.24 11.12
C ARG C 110 14.64 10.16 10.03
N VAL C 111 13.75 9.13 10.09
CA VAL C 111 13.67 8.07 9.07
C VAL C 111 13.29 8.66 7.70
N ILE C 112 12.24 9.53 7.66
CA ILE C 112 11.78 10.21 6.43
C ILE C 112 12.94 11.02 5.83
N GLN C 113 13.66 11.75 6.69
CA GLN C 113 14.83 12.56 6.30
C GLN C 113 15.85 11.70 5.62
N ALA C 114 16.23 10.58 6.26
CA ALA C 114 17.21 9.59 5.76
C ALA C 114 16.76 8.93 4.44
N CYS C 115 15.44 8.70 4.26
CA CYS C 115 14.87 8.08 3.06
C CYS C 115 15.05 8.87 1.78
N GLY C 116 15.40 10.14 1.91
CA GLY C 116 15.63 11.00 0.76
C GLY C 116 16.82 10.50 -0.04
N SER C 117 18.00 10.44 0.62
CA SER C 117 19.25 9.93 0.06
C SER C 117 19.20 8.42 -0.15
N ILE C 118 18.59 7.69 0.80
CA ILE C 118 18.43 6.23 0.71
C ILE C 118 17.62 5.80 -0.52
N TYR C 119 16.54 6.49 -0.83
CA TYR C 119 15.71 6.17 -2.03
C TYR C 119 16.51 6.48 -3.29
N LYS C 120 17.18 7.62 -3.32
CA LYS C 120 17.94 8.08 -4.50
C LYS C 120 19.12 7.11 -4.75
N ASN C 121 19.91 6.85 -3.70
CA ASN C 121 21.06 5.93 -3.78
C ASN C 121 20.62 4.50 -4.10
N GLY C 122 19.53 4.07 -3.48
CA GLY C 122 18.93 2.76 -3.72
C GLY C 122 18.40 2.59 -5.11
N LEU C 123 17.75 3.62 -5.67
CA LEU C 123 17.21 3.59 -7.05
C LEU C 123 18.37 3.57 -8.06
N GLN C 124 19.44 4.36 -7.83
CA GLN C 124 20.65 4.43 -8.66
C GLN C 124 21.36 3.09 -8.77
N TYR C 125 21.52 2.41 -7.62
CA TYR C 125 22.19 1.12 -7.50
C TYR C 125 21.41 0.00 -8.18
N LEU C 126 20.11 -0.10 -7.94
CA LEU C 126 19.26 -1.18 -8.45
C LEU C 126 19.09 -1.16 -9.98
N CYS C 127 19.00 0.04 -10.59
CA CYS C 127 18.89 0.14 -12.05
C CYS C 127 20.28 -0.01 -12.73
N SER C 128 21.38 -0.02 -11.95
CA SER C 128 22.75 -0.20 -12.43
C SER C 128 23.13 -1.70 -12.60
N LEU C 129 22.47 -2.59 -11.84
CA LEU C 129 22.64 -4.04 -11.86
C LEU C 129 22.12 -4.65 -13.17
N MET C 130 22.93 -5.50 -13.82
CA MET C 130 22.61 -6.05 -15.15
C MET C 130 21.83 -7.36 -15.03
N GLU C 131 22.19 -8.21 -14.06
CA GLU C 131 21.43 -9.39 -13.67
C GLU C 131 20.95 -9.19 -12.22
N PRO C 132 19.82 -8.51 -12.04
CA PRO C 132 19.27 -8.25 -10.69
C PRO C 132 18.63 -9.50 -10.07
N GLY C 133 19.04 -9.82 -8.84
CA GLY C 133 18.58 -11.03 -8.18
C GLY C 133 17.21 -10.91 -7.53
N ASP C 134 16.82 -11.89 -6.74
CA ASP C 134 15.54 -11.83 -6.03
C ASP C 134 15.59 -10.88 -4.85
N SER C 135 16.72 -10.82 -4.14
CA SER C 135 16.85 -9.87 -3.03
C SER C 135 16.83 -8.41 -3.50
N ALA C 136 17.18 -8.15 -4.78
CA ALA C 136 17.06 -6.84 -5.44
C ALA C 136 15.59 -6.46 -5.64
N GLU C 137 14.76 -7.43 -6.06
CA GLU C 137 13.30 -7.25 -6.26
C GLU C 137 12.59 -7.03 -4.92
N GLN C 138 13.09 -7.67 -3.85
CA GLN C 138 12.56 -7.54 -2.49
C GLN C 138 12.84 -6.14 -1.93
N ALA C 139 14.10 -5.68 -2.07
CA ALA C 139 14.56 -4.35 -1.63
C ALA C 139 13.79 -3.23 -2.36
N TRP C 140 13.56 -3.41 -3.66
CA TRP C 140 12.82 -2.47 -4.50
C TRP C 140 11.36 -2.41 -4.05
N ASN C 141 10.78 -3.56 -3.72
CA ASN C 141 9.41 -3.64 -3.29
C ASN C 141 9.19 -2.94 -1.98
N ILE C 142 10.17 -3.02 -1.07
CA ILE C 142 10.12 -2.31 0.21
C ILE C 142 10.27 -0.79 -0.03
N LEU C 143 11.18 -0.39 -0.93
CA LEU C 143 11.31 1.03 -1.37
C LEU C 143 10.02 1.57 -1.96
N SER C 144 9.33 0.78 -2.81
CA SER C 144 8.02 1.18 -3.38
C SER C 144 6.95 1.37 -2.33
N LEU C 145 7.06 0.59 -1.23
CA LEU C 145 6.10 0.66 -0.13
C LEU C 145 6.42 1.83 0.80
N ILE C 146 7.73 2.09 1.02
CA ILE C 146 8.18 3.26 1.77
C ILE C 146 7.68 4.56 1.09
N LYS C 147 7.80 4.68 -0.25
CA LYS C 147 7.25 5.76 -1.05
C LYS C 147 5.78 5.98 -0.73
N ALA C 148 4.99 4.92 -0.81
CA ALA C 148 3.54 4.90 -0.60
C ALA C 148 3.20 5.30 0.87
N GLN C 149 4.02 4.84 1.81
CA GLN C 149 3.83 5.12 3.21
C GLN C 149 4.03 6.58 3.54
N ILE C 150 5.10 7.15 2.99
CA ILE C 150 5.44 8.57 3.17
C ILE C 150 4.41 9.45 2.41
N LEU C 151 3.91 8.98 1.27
CA LEU C 151 2.86 9.66 0.52
C LEU C 151 1.63 9.82 1.38
N ASP C 152 1.25 8.78 2.15
CA ASP C 152 0.11 8.86 3.03
C ASP C 152 0.28 9.83 4.19
N MET C 153 1.54 10.06 4.52
CA MET C 153 1.94 10.90 5.67
C MET C 153 1.66 12.41 5.44
N ILE C 154 1.17 12.82 4.28
CA ILE C 154 0.72 14.22 4.08
C ILE C 154 -0.55 14.47 4.90
N ASP C 155 -1.26 13.40 5.31
CA ASP C 155 -2.47 13.48 6.11
C ASP C 155 -2.12 13.06 7.57
N ASN C 156 -0.79 13.02 7.91
CA ASN C 156 -0.40 12.70 9.29
C ASN C 156 -0.81 13.77 10.25
N GLU C 157 -1.10 13.42 11.51
CA GLU C 157 -1.57 14.43 12.48
C GLU C 157 -0.44 15.31 13.02
N ASN C 158 0.82 14.92 12.83
CA ASN C 158 1.98 15.70 13.26
C ASN C 158 2.45 16.63 12.17
N ASP C 159 2.64 17.91 12.53
CA ASP C 159 3.06 18.96 11.60
C ASP C 159 4.49 18.72 11.13
N GLY C 160 5.34 18.26 12.05
CA GLY C 160 6.74 17.98 11.76
C GLY C 160 6.92 16.86 10.77
N ILE C 161 6.11 15.79 10.93
CA ILE C 161 6.07 14.67 10.00
C ILE C 161 5.65 15.16 8.61
N ARG C 162 4.51 15.90 8.53
CA ARG C 162 4.05 16.44 7.26
C ARG C 162 5.13 17.31 6.54
N THR C 163 5.88 18.14 7.27
CA THR C 163 6.96 18.95 6.72
C THR C 163 8.02 18.03 6.07
N ASN C 164 8.44 17.01 6.81
CA ASN C 164 9.45 16.08 6.35
C ASN C 164 9.00 15.27 5.13
N ALA C 165 7.75 14.80 5.19
CA ALA C 165 7.09 14.09 4.10
C ALA C 165 7.09 14.91 2.84
N ILE C 166 6.72 16.21 2.90
CA ILE C 166 6.70 17.12 1.73
C ILE C 166 8.08 17.20 1.06
N LYS C 167 9.13 17.34 1.90
CA LYS C 167 10.53 17.41 1.47
C LYS C 167 10.98 16.14 0.77
N PHE C 168 10.56 15.00 1.27
CA PHE C 168 10.91 13.71 0.67
C PHE C 168 10.29 13.62 -0.71
N LEU C 169 9.00 13.90 -0.80
CA LEU C 169 8.24 13.79 -2.04
C LEU C 169 8.78 14.66 -3.18
N GLU C 170 9.42 15.80 -2.83
CA GLU C 170 10.12 16.74 -3.73
C GLU C 170 11.20 16.02 -4.54
N GLY C 171 12.04 15.22 -3.86
CA GLY C 171 13.12 14.46 -4.48
C GLY C 171 12.59 13.37 -5.42
N VAL C 172 11.52 12.71 -5.02
CA VAL C 172 10.89 11.65 -5.80
C VAL C 172 10.40 12.22 -7.15
N VAL C 173 9.63 13.32 -7.14
CA VAL C 173 9.15 14.02 -8.35
C VAL C 173 10.30 14.39 -9.27
N VAL C 174 11.37 14.94 -8.71
CA VAL C 174 12.59 15.30 -9.46
C VAL C 174 13.22 14.08 -10.08
N LEU C 175 13.36 12.99 -9.29
CA LEU C 175 14.01 11.73 -9.72
C LEU C 175 13.20 11.08 -10.82
N GLN C 176 11.89 11.01 -10.60
CA GLN C 176 10.91 10.37 -11.48
C GLN C 176 10.28 11.34 -12.47
N SER C 177 11.15 12.06 -13.16
CA SER C 177 10.80 12.94 -14.28
C SER C 177 12.12 13.16 -15.07
N PHE C 178 11.97 13.70 -16.28
CA PHE C 178 13.11 13.91 -17.14
C PHE C 178 13.62 15.35 -17.05
N ALA C 179 14.95 15.47 -17.00
CA ALA C 179 15.61 16.77 -17.08
C ALA C 179 15.53 17.25 -18.54
N ASP C 180 15.87 18.51 -18.75
CA ASP C 180 15.88 19.11 -20.09
C ASP C 180 16.95 20.23 -20.14
N GLU C 181 16.95 20.99 -21.24
CA GLU C 181 17.88 22.08 -21.53
C GLU C 181 17.81 23.19 -20.46
N ASP C 182 16.57 23.55 -20.07
CA ASP C 182 16.28 24.62 -19.12
C ASP C 182 16.44 24.23 -17.64
N SER C 183 16.62 22.94 -17.32
CA SER C 183 16.92 22.46 -15.96
C SER C 183 18.11 23.15 -15.34
N LEU C 184 18.03 23.50 -14.05
CA LEU C 184 19.15 24.12 -13.33
C LEU C 184 20.33 23.16 -13.26
N LYS C 185 21.53 23.64 -13.55
CA LYS C 185 22.75 22.81 -13.50
C LYS C 185 23.09 22.53 -12.04
N ARG C 186 22.91 21.27 -11.63
CA ARG C 186 23.20 20.81 -10.28
C ARG C 186 23.99 19.52 -10.39
N ASP C 187 25.06 19.46 -9.59
CA ASP C 187 26.04 18.34 -9.65
C ASP C 187 25.46 16.92 -9.55
N GLY C 188 24.75 16.62 -8.48
CA GLY C 188 24.22 15.27 -8.30
C GLY C 188 22.85 15.04 -8.88
N ASP C 189 22.46 15.83 -9.88
CA ASP C 189 21.16 15.69 -10.54
C ASP C 189 20.99 14.32 -11.23
N PHE C 190 19.90 13.63 -10.90
CA PHE C 190 19.55 12.32 -11.45
C PHE C 190 18.11 12.37 -11.88
N SER C 191 17.85 11.98 -13.16
CA SER C 191 16.49 11.99 -13.71
C SER C 191 16.20 10.61 -14.32
N LEU C 192 15.00 10.45 -14.91
CA LEU C 192 14.61 9.21 -15.59
C LEU C 192 15.48 8.93 -16.83
N ALA C 193 16.14 9.97 -17.37
CA ALA C 193 17.08 9.88 -18.49
C ALA C 193 18.31 9.08 -18.10
N ASP C 194 18.65 9.09 -16.80
CA ASP C 194 19.78 8.36 -16.21
C ASP C 194 19.41 6.92 -15.80
N VAL C 195 18.13 6.53 -15.97
CA VAL C 195 17.65 5.17 -15.73
C VAL C 195 17.76 4.39 -17.03
N PRO C 196 18.51 3.27 -17.05
CA PRO C 196 18.60 2.45 -18.29
C PRO C 196 17.31 1.66 -18.61
N ASP C 197 17.12 1.35 -19.92
CA ASP C 197 15.96 0.62 -20.41
C ASP C 197 16.12 -0.88 -20.09
N HIS C 198 17.38 -1.33 -19.94
CA HIS C 198 17.76 -2.71 -19.57
C HIS C 198 17.37 -3.05 -18.12
N CYS C 199 16.84 -2.08 -17.34
CA CYS C 199 16.21 -2.35 -16.04
C CYS C 199 14.87 -3.05 -16.23
N THR C 200 14.71 -4.20 -15.58
CA THR C 200 13.52 -5.06 -15.66
C THR C 200 12.55 -4.80 -14.51
N LEU C 201 13.09 -4.36 -13.35
CA LEU C 201 12.39 -4.09 -12.09
C LEU C 201 11.20 -3.14 -12.20
N PHE C 202 11.30 -2.14 -13.09
CA PHE C 202 10.24 -1.14 -13.33
C PHE C 202 10.36 -0.56 -14.74
N ARG C 203 9.30 0.13 -15.17
CA ARG C 203 9.28 0.88 -16.43
C ARG C 203 9.33 2.39 -16.20
N ARG C 204 10.08 3.09 -17.08
CA ARG C 204 10.25 4.56 -17.10
C ARG C 204 8.92 5.29 -17.15
N GLU C 205 7.96 4.80 -17.97
CA GLU C 205 6.63 5.39 -18.12
C GLU C 205 5.82 5.32 -16.82
N LYS C 206 5.92 4.20 -16.09
CA LYS C 206 5.21 3.97 -14.83
C LYS C 206 5.74 4.88 -13.70
N LEU C 207 7.06 5.08 -13.62
CA LEU C 207 7.69 5.97 -12.64
C LEU C 207 7.32 7.44 -12.92
N GLN C 208 7.25 7.80 -14.22
CA GLN C 208 6.84 9.12 -14.66
C GLN C 208 5.38 9.39 -14.26
N GLU C 209 4.53 8.37 -14.45
CA GLU C 209 3.12 8.41 -14.07
C GLU C 209 2.99 8.67 -12.57
N GLU C 210 3.77 7.96 -11.75
CA GLU C 210 3.80 8.14 -10.30
C GLU C 210 4.32 9.52 -9.86
N GLY C 211 5.40 9.99 -10.50
CA GLY C 211 5.98 11.31 -10.29
C GLY C 211 4.95 12.42 -10.54
N ASN C 212 4.19 12.28 -11.63
CA ASN C 212 3.08 13.18 -11.99
C ASN C 212 1.95 13.17 -10.97
N ASN C 213 1.67 11.99 -10.40
CA ASN C 213 0.62 11.79 -9.39
C ASN C 213 1.04 12.37 -8.05
N ILE C 214 2.31 12.27 -7.70
CA ILE C 214 2.84 12.85 -6.46
C ILE C 214 2.83 14.39 -6.59
N LEU C 215 3.20 14.90 -7.77
CA LEU C 215 3.16 16.34 -8.02
C LEU C 215 1.71 16.87 -7.91
N ASP C 216 0.75 16.17 -8.54
CA ASP C 216 -0.66 16.51 -8.49
C ASP C 216 -1.17 16.58 -7.05
N ILE C 217 -0.71 15.66 -6.22
CA ILE C 217 -1.05 15.60 -4.80
C ILE C 217 -0.44 16.81 -4.05
N LEU C 218 0.82 17.16 -4.35
CA LEU C 218 1.45 18.33 -3.74
C LEU C 218 0.76 19.61 -4.14
N LEU C 219 0.41 19.75 -5.42
CA LEU C 219 -0.32 20.91 -5.96
C LEU C 219 -1.68 21.11 -5.28
N GLN C 220 -2.40 20.00 -5.03
CA GLN C 220 -3.71 20.03 -4.34
C GLN C 220 -3.53 20.36 -2.89
N PHE C 221 -2.51 19.76 -2.26
CA PHE C 221 -2.21 19.98 -0.85
C PHE C 221 -1.97 21.46 -0.58
N HIS C 222 -1.12 22.04 -1.44
CA HIS C 222 -0.71 23.44 -1.45
C HIS C 222 -1.88 24.39 -1.52
N GLY C 223 -2.97 23.98 -2.16
CA GLY C 223 -4.15 24.83 -2.32
C GLY C 223 -5.27 24.64 -1.30
N THR C 224 -5.03 23.85 -0.25
CA THR C 224 -6.04 23.58 0.77
C THR C 224 -6.19 24.81 1.71
N THR C 225 -7.35 24.86 2.37
CA THR C 225 -7.79 26.01 3.16
C THR C 225 -7.35 25.94 4.62
N HIS C 226 -7.00 24.76 5.11
CA HIS C 226 -6.57 24.63 6.49
C HIS C 226 -5.13 24.12 6.65
N ILE C 227 -4.28 24.48 5.71
CA ILE C 227 -2.83 24.18 5.76
C ILE C 227 -2.11 25.00 6.82
N SER C 228 -1.12 24.40 7.47
CA SER C 228 -0.30 25.12 8.46
C SER C 228 0.67 26.01 7.74
N SER C 229 1.16 27.06 8.42
CA SER C 229 2.08 28.02 7.81
C SER C 229 3.38 27.32 7.43
N VAL C 230 3.88 26.45 8.32
CA VAL C 230 5.14 25.70 8.08
C VAL C 230 5.03 24.78 6.90
N ASN C 231 3.94 23.98 6.86
CA ASN C 231 3.64 23.04 5.74
C ASN C 231 3.60 23.81 4.42
N LEU C 232 2.84 24.92 4.41
CA LEU C 232 2.68 25.72 3.22
C LEU C 232 3.98 26.32 2.69
N ILE C 233 4.82 26.85 3.59
CA ILE C 233 6.11 27.37 3.19
C ILE C 233 6.98 26.26 2.63
N ALA C 234 6.98 25.09 3.30
CA ALA C 234 7.75 23.95 2.89
C ALA C 234 7.38 23.49 1.47
N CYS C 235 6.06 23.27 1.29
CA CYS C 235 5.42 22.92 0.03
C CYS C 235 5.77 23.88 -1.10
N THR C 236 5.70 25.17 -0.82
CA THR C 236 5.99 26.20 -1.79
C THR C 236 7.43 26.17 -2.26
N SER C 237 8.39 25.95 -1.34
CA SER C 237 9.79 25.84 -1.73
C SER C 237 10.03 24.53 -2.50
N SER C 238 9.36 23.45 -2.13
CA SER C 238 9.47 22.18 -2.83
C SER C 238 8.94 22.26 -4.25
N LEU C 239 7.83 22.95 -4.47
CA LEU C 239 7.25 23.18 -5.79
C LEU C 239 8.24 24.01 -6.63
N CYS C 240 8.95 24.95 -5.97
CA CYS C 240 9.92 25.80 -6.65
C CYS C 240 11.12 24.93 -7.12
N THR C 241 11.67 24.08 -6.23
CA THR C 241 12.75 23.16 -6.55
C THR C 241 12.37 22.26 -7.76
N ILE C 242 11.17 21.68 -7.71
CA ILE C 242 10.65 20.84 -8.80
C ILE C 242 10.61 21.58 -10.10
N ALA C 243 10.00 22.77 -10.15
CA ALA C 243 9.90 23.55 -11.40
C ALA C 243 11.27 24.04 -11.93
N LYS C 244 12.24 24.37 -11.06
CA LYS C 244 13.54 24.85 -11.57
C LYS C 244 14.38 23.68 -12.05
N MET C 245 14.19 22.49 -11.45
CA MET C 245 14.90 21.28 -11.80
C MET C 245 14.24 20.66 -13.05
N ARG C 246 12.91 20.72 -13.10
CA ARG C 246 12.12 20.12 -14.18
C ARG C 246 11.12 21.13 -14.74
N PRO C 247 11.60 22.06 -15.59
CA PRO C 247 10.78 23.14 -16.11
C PRO C 247 9.51 22.75 -16.89
N ILE C 248 9.31 21.44 -17.13
CA ILE C 248 8.05 20.97 -17.72
C ILE C 248 6.86 21.31 -16.79
N PHE C 249 7.13 21.34 -15.47
CA PHE C 249 6.13 21.61 -14.44
C PHE C 249 5.94 23.10 -14.08
N MET C 250 6.72 23.97 -14.72
CA MET C 250 6.73 25.40 -14.46
C MET C 250 5.34 26.08 -14.50
N GLY C 251 4.55 25.79 -15.54
CA GLY C 251 3.22 26.38 -15.69
C GLY C 251 2.28 26.03 -14.55
N ALA C 252 2.34 24.78 -14.11
CA ALA C 252 1.55 24.22 -13.03
C ALA C 252 1.88 24.91 -11.69
N VAL C 253 3.18 25.05 -11.41
CA VAL C 253 3.72 25.63 -10.19
C VAL C 253 3.40 27.15 -10.15
N VAL C 254 3.58 27.86 -11.29
CA VAL C 254 3.28 29.29 -11.37
C VAL C 254 1.77 29.51 -11.10
N GLU C 255 0.91 28.63 -11.62
CA GLU C 255 -0.54 28.69 -11.42
C GLU C 255 -0.91 28.47 -9.96
N ALA C 256 -0.25 27.50 -9.30
CA ALA C 256 -0.45 27.20 -7.87
C ALA C 256 -0.07 28.43 -7.04
N PHE C 257 1.06 29.06 -7.37
CA PHE C 257 1.54 30.25 -6.68
C PHE C 257 0.56 31.42 -6.87
N LYS C 258 0.06 31.61 -8.09
CA LYS C 258 -0.91 32.65 -8.44
C LYS C 258 -2.20 32.43 -7.65
N GLN C 259 -2.69 31.18 -7.61
CA GLN C 259 -3.91 30.86 -6.87
C GLN C 259 -3.73 31.09 -5.36
N LEU C 260 -2.55 30.72 -4.83
CA LEU C 260 -2.24 30.92 -3.40
C LEU C 260 -2.28 32.39 -3.06
N ASN C 261 -1.53 33.22 -3.79
CA ASN C 261 -1.49 34.66 -3.47
C ASN C 261 -2.85 35.33 -3.51
N ALA C 262 -3.76 34.84 -4.34
CA ALA C 262 -5.13 35.32 -4.44
C ALA C 262 -6.04 34.77 -3.34
N ASN C 263 -5.68 33.63 -2.75
CA ASN C 263 -6.52 33.01 -1.76
C ASN C 263 -5.74 32.43 -0.58
N LEU C 264 -5.19 33.29 0.29
CA LEU C 264 -4.49 32.86 1.51
C LEU C 264 -5.42 32.07 2.47
N PRO C 265 -4.99 30.88 2.93
CA PRO C 265 -5.72 30.10 3.90
C PRO C 265 -6.09 30.97 5.14
N PRO C 266 -7.36 31.01 5.52
CA PRO C 266 -7.84 31.73 6.69
C PRO C 266 -7.29 31.25 8.01
N THR C 267 -6.59 30.11 7.99
CA THR C 267 -5.97 29.54 9.19
C THR C 267 -4.67 30.28 9.49
N LEU C 268 -4.08 30.94 8.49
CA LEU C 268 -2.86 31.68 8.73
C LEU C 268 -3.08 33.00 9.45
N THR C 269 -2.30 33.24 10.52
CA THR C 269 -2.32 34.44 11.31
C THR C 269 -1.55 35.50 10.46
N ASP C 270 -1.56 36.74 10.92
CA ASP C 270 -1.07 37.87 10.14
C ASP C 270 0.43 37.76 9.89
N SER C 271 1.23 37.36 10.91
CA SER C 271 2.67 37.13 10.74
C SER C 271 2.95 35.92 9.91
N GLN C 272 2.10 34.87 9.97
CA GLN C 272 2.22 33.69 9.12
C GLN C 272 2.01 34.07 7.66
N VAL C 273 1.04 34.95 7.38
CA VAL C 273 0.82 35.47 6.03
C VAL C 273 2.07 36.20 5.51
N SER C 274 2.61 37.13 6.32
CA SER C 274 3.83 37.86 5.97
C SER C 274 5.00 36.90 5.74
N SER C 275 5.14 35.88 6.60
CA SER C 275 6.17 34.86 6.46
C SER C 275 6.01 34.05 5.19
N VAL C 276 4.78 33.60 4.92
CA VAL C 276 4.45 32.83 3.71
C VAL C 276 4.70 33.68 2.44
N ARG C 277 4.30 34.95 2.44
CA ARG C 277 4.50 35.88 1.33
C ARG C 277 5.96 36.23 1.05
N LYS C 278 6.75 36.32 2.10
CA LYS C 278 8.16 36.64 1.97
C LYS C 278 8.88 35.47 1.29
N SER C 279 8.50 34.24 1.68
CA SER C 279 9.08 33.04 1.09
C SER C 279 8.60 32.87 -0.36
N LEU C 280 7.31 33.13 -0.62
CA LEU C 280 6.72 33.07 -1.95
C LEU C 280 7.47 34.01 -2.90
N LYS C 281 7.74 35.23 -2.46
CA LYS C 281 8.54 36.21 -3.23
C LYS C 281 9.89 35.66 -3.64
N MET C 282 10.59 35.03 -2.71
CA MET C 282 11.87 34.44 -2.98
C MET C 282 11.83 33.30 -3.99
N GLN C 283 10.80 32.46 -3.87
CA GLN C 283 10.58 31.34 -4.80
C GLN C 283 10.31 31.87 -6.18
N LEU C 284 9.46 32.89 -6.29
CA LEU C 284 9.15 33.53 -7.57
C LEU C 284 10.39 34.14 -8.22
N GLN C 285 11.25 34.77 -7.42
CA GLN C 285 12.48 35.34 -7.92
C GLN C 285 13.40 34.30 -8.54
N THR C 286 13.54 33.18 -7.82
CA THR C 286 14.28 32.04 -8.27
C THR C 286 13.79 31.43 -9.57
N LEU C 287 12.47 31.27 -9.70
CA LEU C 287 11.85 30.73 -10.90
C LEU C 287 12.00 31.63 -12.12
N LEU C 288 11.93 32.95 -11.90
CA LEU C 288 12.05 33.94 -12.97
C LEU C 288 13.42 33.89 -13.59
N LYS C 289 14.46 33.46 -12.83
CA LYS C 289 15.84 33.30 -13.32
C LYS C 289 15.99 32.14 -14.26
N ASN C 290 15.09 31.16 -14.18
CA ASN C 290 15.10 30.01 -15.09
C ASN C 290 14.62 30.38 -16.49
N ARG C 291 15.33 29.85 -17.50
CA ARG C 291 15.02 30.09 -18.93
C ARG C 291 13.63 29.51 -19.29
N GLY C 292 13.22 28.43 -18.58
CA GLY C 292 11.93 27.77 -18.72
C GLY C 292 10.72 28.57 -18.26
N ALA C 293 10.96 29.64 -17.50
CA ALA C 293 9.90 30.56 -17.08
C ALA C 293 9.50 31.60 -18.12
N PHE C 294 10.15 31.56 -19.29
CA PHE C 294 9.98 32.53 -20.39
C PHE C 294 8.52 32.88 -20.71
N GLU C 295 7.71 31.85 -20.94
CA GLU C 295 6.27 31.99 -21.21
C GLU C 295 5.49 32.65 -20.05
N PHE C 296 5.97 32.51 -18.82
CA PHE C 296 5.26 32.93 -17.62
C PHE C 296 5.85 34.17 -16.96
N ALA C 297 6.83 34.78 -17.62
CA ALA C 297 7.54 35.96 -17.14
C ALA C 297 6.55 37.12 -16.75
N SER C 298 5.52 37.37 -17.56
CA SER C 298 4.55 38.43 -17.27
C SER C 298 3.77 38.15 -15.96
N THR C 299 3.30 36.91 -15.84
CA THR C 299 2.51 36.45 -14.69
C THR C 299 3.36 36.53 -13.44
N ILE C 300 4.58 36.01 -13.50
CA ILE C 300 5.50 36.06 -12.39
C ILE C 300 5.80 37.49 -11.96
N ARG C 301 6.05 38.36 -12.92
CA ARG C 301 6.23 39.78 -12.66
C ARG C 301 5.02 40.40 -11.96
N GLY C 302 3.82 40.09 -12.44
CA GLY C 302 2.55 40.50 -11.83
C GLY C 302 2.49 40.21 -10.34
N MET C 303 2.82 38.99 -9.96
CA MET C 303 2.84 38.51 -8.58
C MET C 303 3.94 39.16 -7.74
N LEU C 304 5.14 39.32 -8.31
CA LEU C 304 6.24 39.99 -7.65
C LEU C 304 5.92 41.46 -7.36
N VAL C 305 5.16 42.11 -8.27
CA VAL C 305 4.69 43.46 -8.04
C VAL C 305 3.71 43.46 -6.90
N ASP C 306 2.77 42.50 -6.88
CA ASP C 306 1.83 42.33 -5.75
C ASP C 306 2.50 42.07 -4.43
N LEU C 307 3.68 41.45 -4.46
CA LEU C 307 4.45 41.14 -3.26
C LEU C 307 5.55 42.18 -2.93
N GLY C 308 5.44 43.34 -3.57
CA GLY C 308 6.27 44.50 -3.28
C GLY C 308 7.58 44.69 -3.98
N SER C 309 7.91 43.87 -4.99
CA SER C 309 9.16 44.08 -5.75
C SER C 309 9.03 45.28 -6.67
N SER C 310 10.12 46.00 -6.90
CA SER C 310 10.12 47.13 -7.84
C SER C 310 10.29 46.62 -9.27
N THR C 311 9.90 47.44 -10.25
CA THR C 311 10.04 47.11 -11.65
C THR C 311 11.48 46.77 -12.01
N ASN C 312 12.43 47.52 -11.47
CA ASN C 312 13.84 47.30 -11.74
C ASN C 312 14.43 46.12 -11.03
N GLU C 313 13.92 45.77 -9.84
CA GLU C 313 14.37 44.57 -9.17
C GLU C 313 13.95 43.32 -9.95
N ILE C 314 12.71 43.27 -10.44
CA ILE C 314 12.16 42.20 -11.28
C ILE C 314 12.90 42.09 -12.62
N GLN C 315 13.10 43.23 -13.27
CA GLN C 315 13.75 43.34 -14.56
C GLN C 315 15.17 42.70 -14.52
N LYS C 316 15.94 42.94 -13.46
CA LYS C 316 17.29 42.37 -13.29
C LYS C 316 17.32 40.82 -13.17
N LEU C 317 16.21 40.22 -12.77
CA LEU C 317 16.12 38.77 -12.67
C LEU C 317 15.90 38.03 -13.97
N ILE C 318 15.27 38.67 -14.95
CA ILE C 318 15.03 38.04 -16.24
C ILE C 318 16.31 37.69 -17.00
N PRO C 319 16.49 36.40 -17.36
CA PRO C 319 17.72 36.02 -18.08
C PRO C 319 17.75 36.61 -19.48
N LYS C 320 18.97 36.98 -19.93
CA LYS C 320 19.23 37.51 -21.27
C LYS C 320 19.09 36.34 -22.25
N MET C 321 18.32 36.52 -23.32
CA MET C 321 18.20 35.54 -24.37
C MET C 321 18.40 36.14 -25.74
N ASP C 322 19.00 35.39 -26.64
CA ASP C 322 19.17 35.85 -28.02
C ASP C 322 17.80 35.73 -28.73
N LYS C 323 17.56 36.59 -29.73
CA LYS C 323 16.22 36.76 -30.32
C LYS C 323 15.79 35.52 -31.11
N GLN C 324 16.74 34.77 -31.65
CA GLN C 324 16.44 33.53 -32.35
C GLN C 324 15.99 32.47 -31.35
N GLU C 325 16.63 32.43 -30.16
CA GLU C 325 16.21 31.49 -29.09
C GLU C 325 14.80 31.79 -28.64
N MET C 326 14.48 33.06 -28.47
CA MET C 326 13.12 33.54 -28.09
C MET C 326 12.09 33.10 -29.12
N ALA C 327 12.43 33.32 -30.40
CA ALA C 327 11.58 33.01 -31.54
C ALA C 327 11.28 31.47 -31.59
N ARG C 328 12.29 30.62 -31.26
CA ARG C 328 12.09 29.20 -31.16
C ARG C 328 11.05 28.83 -30.10
N ARG C 329 11.16 29.48 -28.93
CA ARG C 329 10.29 29.30 -27.77
C ARG C 329 8.92 29.87 -28.00
N GLN C 330 8.85 31.15 -28.44
CA GLN C 330 7.62 31.91 -28.79
C GLN C 330 6.72 31.07 -29.73
N LYS C 331 7.37 30.46 -30.74
CA LYS C 331 6.70 29.65 -31.77
C LYS C 331 6.30 28.28 -31.21
N ARG C 332 7.14 27.66 -30.36
CA ARG C 332 6.82 26.38 -29.69
C ARG C 332 5.59 26.54 -28.76
N ILE C 333 5.50 27.69 -28.07
CA ILE C 333 4.41 28.05 -27.15
C ILE C 333 3.13 28.30 -27.98
N LEU C 334 3.27 28.93 -29.16
CA LEU C 334 2.15 29.20 -30.08
C LEU C 334 1.55 27.92 -30.70
N GLU C 335 2.41 26.95 -31.09
CA GLU C 335 1.97 25.68 -31.69
C GLU C 335 1.35 24.72 -30.65
N ASN C 336 1.80 24.76 -29.39
CA ASN C 336 1.28 23.90 -28.31
C ASN C 336 -0.12 24.35 -27.84
N ALA C 337 -0.42 25.65 -27.95
CA ALA C 337 -1.72 26.25 -27.56
C ALA C 337 -2.85 25.88 -28.53
N ALA C 338 -2.50 25.53 -29.78
CA ALA C 338 -3.46 25.02 -30.79
C ALA C 338 -3.61 23.48 -30.76
N PRO D 9 18.46 23.04 28.96
CA PRO D 9 17.52 22.05 29.48
C PRO D 9 17.19 20.92 28.48
N SER D 10 16.85 21.25 27.24
CA SER D 10 16.65 20.28 26.15
C SER D 10 17.95 20.13 25.33
N LYS D 11 17.89 19.34 24.26
CA LYS D 11 19.03 19.04 23.37
C LYS D 11 19.06 19.95 22.14
N LEU D 12 18.50 21.16 22.24
CA LEU D 12 18.26 22.05 21.09
C LEU D 12 19.46 22.92 20.72
N ALA D 13 19.83 22.84 19.46
CA ALA D 13 20.93 23.58 18.90
C ALA D 13 20.38 24.92 18.36
N VAL D 14 20.77 26.01 18.98
CA VAL D 14 20.25 27.37 18.72
C VAL D 14 21.35 28.28 18.20
N ALA D 15 21.00 29.16 17.24
CA ALA D 15 21.92 30.20 16.75
C ALA D 15 21.22 31.55 16.74
N VAL D 16 21.91 32.60 17.19
CA VAL D 16 21.39 33.97 17.20
C VAL D 16 22.22 34.76 16.21
N VAL D 17 21.55 35.41 15.25
CA VAL D 17 22.26 36.06 14.13
C VAL D 17 21.87 37.53 14.07
N ASP D 18 22.87 38.34 13.73
CA ASP D 18 22.72 39.82 13.63
C ASP D 18 23.59 40.29 12.49
N SER D 19 24.02 41.55 12.56
CA SER D 19 24.91 42.15 11.53
C SER D 19 26.36 41.68 11.71
N SER D 20 26.98 42.00 12.85
CA SER D 20 28.46 41.92 13.02
C SER D 20 28.94 40.96 14.11
N ASN D 21 28.01 40.29 14.78
CA ASN D 21 28.27 39.37 15.90
C ASN D 21 29.00 40.13 16.99
N MET D 22 28.49 41.31 17.36
CA MET D 22 29.12 42.20 18.32
C MET D 22 28.18 42.65 19.44
N ASN D 23 27.01 43.19 19.12
CA ASN D 23 26.06 43.65 20.11
C ASN D 23 24.91 42.67 20.41
N ARG D 24 23.98 42.56 19.47
CA ARG D 24 22.67 41.99 19.75
C ARG D 24 22.72 40.46 19.90
N SER D 25 23.44 39.79 19.00
CA SER D 25 23.60 38.33 19.09
C SER D 25 24.34 37.91 20.34
N MET D 26 25.35 38.69 20.72
CA MET D 26 26.23 38.38 21.87
C MET D 26 25.51 38.58 23.20
N GLU D 27 24.60 39.55 23.28
CA GLU D 27 23.80 39.75 24.49
C GLU D 27 22.85 38.57 24.69
N ALA D 28 22.28 38.07 23.60
CA ALA D 28 21.40 36.89 23.62
C ALA D 28 22.21 35.61 23.84
N HIS D 29 23.37 35.48 23.18
CA HIS D 29 24.27 34.35 23.31
C HIS D 29 24.68 34.15 24.77
N ASN D 30 25.09 35.25 25.38
CA ASN D 30 25.44 35.39 26.79
C ASN D 30 24.37 34.84 27.72
N PHE D 31 23.15 35.33 27.60
CA PHE D 31 22.01 34.93 28.43
C PHE D 31 21.58 33.47 28.16
N LEU D 32 21.57 33.04 26.89
CA LEU D 32 21.17 31.66 26.55
C LEU D 32 22.20 30.63 27.05
N ALA D 33 23.50 30.97 26.93
CA ALA D 33 24.58 30.06 27.39
C ALA D 33 24.51 29.91 28.92
N LYS D 34 24.18 30.99 29.64
CA LYS D 34 23.99 30.99 31.09
C LYS D 34 22.74 30.20 31.50
N LYS D 35 21.84 29.93 30.55
CA LYS D 35 20.64 29.13 30.83
C LYS D 35 20.88 27.67 30.45
N GLY D 36 22.09 27.39 29.96
CA GLY D 36 22.54 26.04 29.62
C GLY D 36 22.22 25.55 28.22
N PHE D 37 21.87 26.48 27.32
CA PHE D 37 21.52 26.13 25.93
C PHE D 37 22.76 25.94 25.08
N ASN D 38 22.66 25.01 24.12
CA ASN D 38 23.70 24.78 23.10
C ASN D 38 23.54 25.90 22.07
N VAL D 39 24.18 27.05 22.34
CA VAL D 39 24.01 28.28 21.56
C VAL D 39 25.31 28.66 20.85
N ARG D 40 25.15 29.17 19.63
CA ARG D 40 26.20 29.80 18.81
C ARG D 40 25.63 31.13 18.30
N SER D 41 26.50 32.08 17.95
CA SER D 41 26.04 33.34 17.39
C SER D 41 26.85 33.68 16.15
N TYR D 42 26.24 34.46 15.25
CA TYR D 42 26.89 34.90 14.00
C TYR D 42 26.44 36.27 13.55
N GLY D 43 27.17 36.78 12.56
CA GLY D 43 26.91 38.05 11.89
C GLY D 43 26.67 37.79 10.43
N THR D 44 25.79 38.58 9.79
CA THR D 44 25.45 38.40 8.36
C THR D 44 26.24 39.34 7.42
N GLY D 45 26.88 40.34 7.96
CA GLY D 45 27.63 41.35 7.23
C GLY D 45 28.85 40.83 6.46
N GLU D 46 29.41 41.67 5.59
CA GLU D 46 30.63 41.28 4.83
C GLU D 46 31.86 41.38 5.74
N ARG D 47 31.88 42.41 6.60
CA ARG D 47 32.93 42.66 7.60
C ARG D 47 32.27 43.12 8.94
N VAL D 48 33.05 43.12 10.01
CA VAL D 48 32.60 43.53 11.34
C VAL D 48 32.65 45.06 11.47
N LYS D 49 31.50 45.70 11.64
CA LYS D 49 31.39 47.17 11.68
C LYS D 49 30.98 47.70 13.05
N LEU D 50 31.84 48.55 13.64
CA LEU D 50 31.64 49.23 14.92
C LEU D 50 31.62 50.73 14.78
N PRO D 51 30.83 51.46 15.60
CA PRO D 51 30.84 52.94 15.48
C PRO D 51 32.16 53.57 15.88
N GLY D 52 32.46 54.74 15.32
CA GLY D 52 33.73 55.41 15.61
C GLY D 52 33.52 56.77 16.22
N MET D 53 34.43 57.67 15.85
CA MET D 53 34.35 59.11 16.24
C MET D 53 33.24 59.81 15.46
N ALA D 54 32.84 59.23 14.34
CA ALA D 54 31.72 59.78 13.57
C ALA D 54 31.07 58.71 12.67
N PHE D 55 29.91 59.09 12.11
CA PHE D 55 29.05 58.22 11.27
C PHE D 55 29.80 57.73 10.03
N ASP D 56 30.56 58.63 9.39
CA ASP D 56 31.35 58.30 8.18
C ASP D 56 32.72 57.73 8.52
N LYS D 57 33.08 57.71 9.81
CA LYS D 57 34.33 57.06 10.23
C LYS D 57 34.14 55.86 11.15
N PRO D 58 33.82 54.66 10.63
CA PRO D 58 33.55 53.49 11.48
C PRO D 58 34.78 52.57 11.68
N ASN D 59 34.66 51.60 12.59
CA ASN D 59 35.74 50.68 12.90
C ASN D 59 35.44 49.34 12.23
N VAL D 60 36.17 49.06 11.16
CA VAL D 60 35.93 47.91 10.29
C VAL D 60 37.01 46.86 10.48
N TYR D 61 36.58 45.60 10.60
CA TYR D 61 37.46 44.42 10.82
C TYR D 61 36.94 43.22 10.06
N GLU D 62 37.83 42.32 9.65
CA GLU D 62 37.42 41.07 8.97
C GLU D 62 36.87 40.10 10.04
N PHE D 63 35.91 39.25 9.67
CA PHE D 63 35.42 38.24 10.61
C PHE D 63 36.57 37.28 10.91
N GLY D 64 36.66 36.83 12.16
CA GLY D 64 37.73 35.91 12.55
C GLY D 64 38.82 36.64 13.34
N THR D 65 38.81 37.99 13.31
CA THR D 65 39.58 38.88 14.13
C THR D 65 39.17 38.67 15.60
N LYS D 66 40.10 38.26 16.48
CA LYS D 66 39.87 38.01 17.90
C LYS D 66 39.26 39.23 18.60
N TYR D 67 38.34 38.98 19.54
CA TYR D 67 37.69 40.06 20.30
C TYR D 67 38.71 40.79 21.16
N GLU D 68 39.72 40.03 21.62
CA GLU D 68 40.87 40.50 22.39
C GLU D 68 41.67 41.61 21.62
N ASP D 69 41.94 41.29 20.35
CA ASP D 69 42.69 42.17 19.46
C ASP D 69 41.93 43.45 19.17
N ILE D 70 40.59 43.35 19.07
CA ILE D 70 39.71 44.49 18.83
C ILE D 70 39.64 45.37 20.09
N TYR D 71 39.73 44.74 21.28
CA TYR D 71 39.74 45.42 22.58
C TYR D 71 40.97 46.30 22.66
N ARG D 72 42.15 45.68 22.45
CA ARG D 72 43.48 46.34 22.51
C ARG D 72 43.58 47.40 21.40
N ASP D 73 42.98 47.18 20.24
CA ASP D 73 43.00 48.12 19.11
C ASP D 73 42.27 49.42 19.44
N LEU D 74 41.07 49.30 20.01
CA LEU D 74 40.24 50.44 20.42
C LEU D 74 40.78 51.11 21.67
N GLU D 75 41.55 50.35 22.46
CA GLU D 75 42.22 50.84 23.68
C GLU D 75 43.33 51.83 23.33
N SER D 76 44.20 51.41 22.40
CA SER D 76 45.33 52.20 21.90
C SER D 76 44.88 53.36 21.02
N LYS D 77 43.67 53.25 20.40
CA LYS D 77 43.07 54.32 19.60
C LYS D 77 42.63 55.45 20.55
N ASP D 78 41.69 55.16 21.43
CA ASP D 78 41.24 56.11 22.46
C ASP D 78 40.52 55.35 23.60
N LYS D 79 41.27 55.03 24.63
CA LYS D 79 40.81 54.27 25.79
C LYS D 79 39.69 54.98 26.57
N GLU D 80 39.72 56.32 26.65
CA GLU D 80 38.64 57.07 27.36
C GLU D 80 37.33 57.10 26.55
N PHE D 81 37.37 57.44 25.25
CA PHE D 81 36.16 57.50 24.41
C PHE D 81 35.44 56.15 24.26
N TYR D 82 36.19 55.06 24.11
CA TYR D 82 35.59 53.70 23.94
C TYR D 82 35.21 53.07 25.28
N THR D 83 35.35 53.82 26.38
CA THR D 83 34.88 53.43 27.73
C THR D 83 33.55 54.13 27.96
N GLN D 84 33.41 55.36 27.45
CA GLN D 84 32.20 56.18 27.57
C GLN D 84 31.08 55.69 26.64
N ASN D 85 31.43 55.16 25.47
CA ASN D 85 30.42 54.64 24.51
C ASN D 85 30.11 53.13 24.76
N GLY D 86 30.74 52.54 25.77
CA GLY D 86 30.51 51.17 26.22
C GLY D 86 30.99 50.05 25.32
N LEU D 87 31.84 50.38 24.35
CA LEU D 87 32.34 49.43 23.36
C LEU D 87 33.34 48.47 23.94
N LEU D 88 34.15 48.92 24.90
CA LEU D 88 35.13 48.08 25.59
C LEU D 88 34.47 47.14 26.54
N HIS D 89 33.35 47.58 27.13
CA HIS D 89 32.53 46.74 28.01
C HIS D 89 31.91 45.58 27.23
N MET D 90 31.44 45.87 26.03
CA MET D 90 30.87 44.91 25.10
C MET D 90 31.89 43.89 24.62
N LEU D 91 33.07 44.38 24.19
CA LEU D 91 34.15 43.52 23.80
C LEU D 91 34.68 42.59 24.87
N ASP D 92 34.62 43.06 26.10
CA ASP D 92 35.02 42.27 27.23
C ASP D 92 34.08 41.11 27.41
N ARG D 93 32.75 41.47 27.38
CA ARG D 93 31.62 40.55 27.44
C ARG D 93 31.83 39.44 26.39
N ASN D 94 32.10 39.84 25.14
CA ASN D 94 32.31 38.98 24.01
C ASN D 94 33.53 38.06 24.09
N ARG D 95 34.70 38.63 24.40
CA ARG D 95 35.97 37.90 24.52
C ARG D 95 35.88 36.80 25.60
N ARG D 96 35.00 36.99 26.58
CA ARG D 96 34.68 36.00 27.64
C ARG D 96 33.83 34.83 27.13
N ILE D 97 32.99 35.10 26.12
CA ILE D 97 32.09 34.10 25.55
C ILE D 97 32.81 33.24 24.50
N LYS D 98 33.45 33.87 23.52
CA LYS D 98 34.23 33.17 22.50
C LYS D 98 35.39 33.98 21.96
N LYS D 99 36.23 33.34 21.17
CA LYS D 99 37.46 33.85 20.55
C LYS D 99 37.23 35.08 19.65
N CYS D 100 36.41 34.91 18.62
CA CYS D 100 36.25 35.95 17.54
C CYS D 100 34.85 35.91 16.90
N PRO D 101 34.39 37.05 16.33
CA PRO D 101 33.12 37.06 15.61
C PRO D 101 33.13 36.20 14.36
N GLU D 102 32.02 35.49 14.12
CA GLU D 102 31.94 34.60 12.96
C GLU D 102 30.79 34.97 12.03
N ARG D 103 30.96 34.64 10.73
CA ARG D 103 29.97 34.92 9.68
C ARG D 103 29.13 33.67 9.44
N PHE D 104 27.80 33.85 9.44
CA PHE D 104 26.84 32.79 9.26
C PHE D 104 26.96 32.10 7.90
N GLN D 105 27.25 32.88 6.86
CA GLN D 105 27.39 32.39 5.47
C GLN D 105 28.61 31.46 5.31
N ASP D 106 29.51 31.44 6.30
CA ASP D 106 30.70 30.60 6.23
C ASP D 106 30.69 29.42 7.18
N THR D 107 29.69 29.34 8.07
CA THR D 107 29.64 28.19 9.00
C THR D 107 29.11 26.93 8.36
N LYS D 108 29.64 25.80 8.83
CA LYS D 108 29.20 24.46 8.44
C LYS D 108 28.35 23.81 9.54
N GLU D 109 28.08 24.60 10.60
CA GLU D 109 27.23 24.20 11.71
C GLU D 109 25.75 24.15 11.30
N GLN D 110 25.00 23.22 11.89
CA GLN D 110 23.57 23.04 11.66
C GLN D 110 22.82 23.27 12.97
N PHE D 111 21.65 23.93 12.88
CA PHE D 111 20.81 24.21 14.06
C PHE D 111 19.38 23.68 13.91
N ASP D 112 18.69 23.66 15.05
CA ASP D 112 17.27 23.31 15.13
C ASP D 112 16.43 24.58 14.99
N ILE D 113 16.93 25.66 15.62
CA ILE D 113 16.39 27.02 15.60
C ILE D 113 17.48 28.02 15.29
N ILE D 114 17.11 28.99 14.44
CA ILE D 114 17.89 30.16 14.17
C ILE D 114 17.05 31.40 14.41
N VAL D 115 17.61 32.32 15.19
CA VAL D 115 16.91 33.56 15.48
C VAL D 115 17.66 34.72 14.91
N THR D 116 16.98 35.55 14.15
CA THR D 116 17.56 36.81 13.68
C THR D 116 16.94 38.01 14.37
N VAL D 117 17.73 39.06 14.48
CA VAL D 117 17.36 40.22 15.25
C VAL D 117 16.87 41.42 14.48
N GLU D 118 16.84 41.33 13.14
CA GLU D 118 16.03 42.21 12.30
C GLU D 118 15.85 41.62 10.91
N GLU D 119 14.73 42.02 10.31
CA GLU D 119 14.22 41.45 9.03
C GLU D 119 15.23 41.43 7.91
N ARG D 120 16.09 42.45 7.86
CA ARG D 120 17.18 42.57 6.89
C ARG D 120 18.15 41.39 7.04
N VAL D 121 18.45 41.01 8.31
CA VAL D 121 19.32 39.88 8.64
C VAL D 121 18.61 38.54 8.30
N TYR D 122 17.33 38.44 8.69
CA TYR D 122 16.47 37.32 8.38
C TYR D 122 16.49 36.97 6.90
N ASP D 123 16.34 37.98 6.03
CA ASP D 123 16.40 37.85 4.57
C ASP D 123 17.76 37.28 4.12
N LEU D 124 18.84 37.80 4.72
CA LEU D 124 20.20 37.34 4.40
C LEU D 124 20.38 35.87 4.76
N VAL D 125 19.83 35.46 5.89
CA VAL D 125 19.96 34.08 6.35
C VAL D 125 19.20 33.12 5.46
N VAL D 126 17.92 33.43 5.27
CA VAL D 126 17.00 32.68 4.40
C VAL D 126 17.58 32.58 2.98
N MET D 127 17.99 33.73 2.42
CA MET D 127 18.54 33.74 1.05
C MET D 127 19.74 32.78 0.94
N HIS D 128 20.66 32.88 1.90
CA HIS D 128 21.84 32.05 1.96
C HIS D 128 21.56 30.55 2.04
N MET D 129 20.73 30.20 2.98
CA MET D 129 20.36 28.78 3.22
C MET D 129 19.71 28.19 1.97
N GLU D 130 18.86 29.00 1.31
CA GLU D 130 18.28 28.54 0.07
C GLU D 130 19.19 28.33 -1.06
N SER D 131 20.20 29.24 -1.12
CA SER D 131 21.20 29.29 -2.17
C SER D 131 22.12 28.07 -2.29
N MET D 132 22.18 27.27 -1.23
CA MET D 132 22.86 25.97 -1.29
C MET D 132 21.87 24.83 -1.24
N GLU D 133 22.02 23.88 -2.16
CA GLU D 133 21.11 22.75 -2.30
C GLU D 133 21.09 21.88 -1.06
N SER D 134 19.91 21.39 -0.70
CA SER D 134 19.74 20.62 0.52
C SER D 134 20.29 19.23 0.31
N VAL D 135 21.06 18.74 1.30
CA VAL D 135 21.72 17.45 1.25
C VAL D 135 21.11 16.51 2.29
N ASP D 136 21.14 16.88 3.56
CA ASP D 136 20.60 16.03 4.62
C ASP D 136 19.07 16.03 4.66
N ASN D 137 18.43 17.05 4.06
CA ASN D 137 16.98 17.22 4.03
C ASN D 137 16.48 17.44 5.47
N ARG D 138 17.33 18.07 6.30
CA ARG D 138 17.00 18.35 7.70
C ARG D 138 16.42 19.77 7.80
N PRO D 139 15.19 19.89 8.31
CA PRO D 139 14.55 21.22 8.45
C PRO D 139 15.08 22.02 9.64
N VAL D 140 14.99 23.33 9.54
CA VAL D 140 15.40 24.25 10.60
C VAL D 140 14.43 25.44 10.62
N HIS D 141 14.01 25.82 11.81
CA HIS D 141 13.08 26.92 12.03
C HIS D 141 13.87 28.20 12.11
N VAL D 142 13.49 29.17 11.28
CA VAL D 142 14.11 30.49 11.24
C VAL D 142 13.05 31.45 11.76
N LEU D 143 13.37 32.11 12.88
CA LEU D 143 12.49 33.09 13.49
C LEU D 143 13.14 34.46 13.53
N ASN D 144 12.32 35.51 13.41
CA ASN D 144 12.83 36.88 13.51
C ASN D 144 12.23 37.63 14.68
N VAL D 145 13.09 38.14 15.56
CA VAL D 145 12.69 38.99 16.66
C VAL D 145 13.43 40.32 16.53
N ASP D 146 12.71 41.39 16.20
N ASP D 146 12.70 41.39 16.21
CA ASP D 146 13.36 42.66 15.87
CA ASP D 146 13.32 42.69 15.94
C ASP D 146 13.95 43.25 17.15
C ASP D 146 13.98 43.15 17.22
N VAL D 147 15.25 43.50 17.15
CA VAL D 147 15.93 44.16 18.25
C VAL D 147 16.63 45.40 17.66
N VAL D 148 16.38 46.55 18.24
CA VAL D 148 16.97 47.82 17.77
C VAL D 148 18.46 47.84 18.19
N ASN D 149 19.30 48.35 17.30
CA ASN D 149 20.75 48.24 17.58
C ASN D 149 21.35 49.30 18.46
N ASN D 150 21.26 49.03 19.75
CA ASN D 150 21.89 49.79 20.82
C ASN D 150 21.86 48.98 22.10
N ALA D 151 22.72 49.33 23.04
CA ALA D 151 23.00 48.50 24.24
C ALA D 151 21.77 48.22 25.07
N GLU D 152 20.94 49.25 25.28
CA GLU D 152 19.71 49.17 26.03
C GLU D 152 18.66 48.21 25.41
N ASP D 153 18.45 48.33 24.09
CA ASP D 153 17.49 47.51 23.36
C ASP D 153 18.02 46.09 23.12
N ALA D 154 19.35 45.93 22.98
CA ALA D 154 19.99 44.61 22.83
C ALA D 154 19.81 43.79 24.09
N LEU D 155 19.73 44.45 25.26
CA LEU D 155 19.49 43.83 26.56
C LEU D 155 18.07 43.33 26.67
N MET D 156 17.10 44.20 26.38
CA MET D 156 15.66 43.87 26.42
C MET D 156 15.32 42.77 25.44
N GLY D 157 15.89 42.89 24.23
CA GLY D 157 15.74 41.92 23.14
C GLY D 157 16.24 40.54 23.48
N ALA D 158 17.41 40.48 24.11
CA ALA D 158 18.05 39.24 24.57
C ALA D 158 17.19 38.51 25.57
N PHE D 159 16.40 39.24 26.37
CA PHE D 159 15.44 38.61 27.28
C PHE D 159 14.27 37.98 26.52
N VAL D 160 13.80 38.66 25.48
CA VAL D 160 12.71 38.21 24.65
C VAL D 160 13.10 36.93 23.91
N ILE D 161 14.26 36.93 23.28
CA ILE D 161 14.77 35.77 22.62
C ILE D 161 15.02 34.62 23.59
N THR D 162 15.56 34.88 24.78
CA THR D 162 15.88 33.82 25.74
C THR D 162 14.56 33.24 26.24
N ASP D 163 13.62 34.10 26.60
CA ASP D 163 12.30 33.64 27.09
C ASP D 163 11.58 32.81 26.01
N MET D 164 11.70 33.20 24.77
CA MET D 164 11.09 32.51 23.65
C MET D 164 11.72 31.18 23.39
N ILE D 165 13.06 31.10 23.45
CA ILE D 165 13.75 29.85 23.31
C ILE D 165 13.47 28.88 24.47
N ASN D 166 13.25 29.42 25.66
CA ASN D 166 12.90 28.67 26.85
C ASN D 166 11.54 28.01 26.72
N MET D 167 10.55 28.75 26.27
CA MET D 167 9.16 28.29 26.06
C MET D 167 9.16 27.14 25.02
N MET D 168 9.93 27.31 23.95
CA MET D 168 10.10 26.34 22.90
C MET D 168 10.85 25.09 23.36
N ALA D 169 11.83 25.27 24.26
CA ALA D 169 12.58 24.16 24.84
C ALA D 169 11.71 23.24 25.70
N LYS D 170 10.71 23.82 26.36
CA LYS D 170 9.76 23.11 27.21
C LYS D 170 8.83 22.17 26.47
N SER D 171 8.63 22.39 25.17
CA SER D 171 7.74 21.56 24.35
C SER D 171 8.30 20.16 24.14
N THR D 172 7.41 19.17 24.25
CA THR D 172 7.72 17.74 24.07
C THR D 172 7.75 17.36 22.61
N ASP D 173 7.09 18.17 21.78
CA ASP D 173 7.13 18.10 20.31
C ASP D 173 7.00 19.56 19.77
N LEU D 174 8.17 20.16 19.54
CA LEU D 174 8.28 21.55 19.14
C LEU D 174 7.59 21.79 17.78
N ASP D 175 7.98 21.06 16.73
CA ASP D 175 7.39 21.17 15.40
C ASP D 175 5.87 21.21 15.41
N ASN D 176 5.26 20.37 16.24
CA ASN D 176 3.81 20.32 16.32
C ASN D 176 3.20 21.41 17.17
N ASP D 177 4.00 22.13 17.99
CA ASP D 177 3.46 23.15 18.89
C ASP D 177 3.86 24.62 18.55
N ILE D 178 5.00 24.73 17.83
CA ILE D 178 5.65 25.98 17.56
C ILE D 178 4.75 27.11 17.03
N ASP D 179 3.89 26.86 16.02
CA ASP D 179 3.02 27.91 15.47
C ASP D 179 2.10 28.56 16.51
N GLU D 180 1.45 27.73 17.35
CA GLU D 180 0.60 28.20 18.45
C GLU D 180 1.40 28.94 19.52
N LEU D 181 2.60 28.42 19.83
CA LEU D 181 3.54 29.02 20.79
C LEU D 181 3.90 30.42 20.34
N ILE D 182 4.32 30.57 19.08
CA ILE D 182 4.67 31.88 18.51
C ILE D 182 3.47 32.79 18.57
N GLN D 183 2.32 32.30 18.12
CA GLN D 183 1.03 33.03 18.11
C GLN D 183 0.74 33.67 19.39
N GLU D 184 0.78 32.89 20.49
CA GLU D 184 0.47 33.44 21.83
C GLU D 184 1.61 34.34 22.36
N PHE D 185 2.86 33.98 22.04
CA PHE D 185 3.99 34.78 22.43
C PHE D 185 3.93 36.20 21.83
N GLU D 186 3.61 36.26 20.53
CA GLU D 186 3.42 37.50 19.78
C GLU D 186 2.32 38.34 20.39
N GLU D 187 1.21 37.71 20.79
CA GLU D 187 0.11 38.43 21.41
C GLU D 187 0.50 39.04 22.74
N ARG D 188 1.02 38.22 23.67
CA ARG D 188 1.48 38.68 24.98
C ARG D 188 2.47 39.84 24.89
N ARG D 189 3.52 39.69 24.07
CA ARG D 189 4.56 40.73 23.91
C ARG D 189 4.28 41.78 22.86
N LYS D 190 3.08 41.76 22.26
CA LYS D 190 2.73 42.70 21.19
C LYS D 190 3.82 42.85 20.13
N ARG D 191 4.35 41.73 19.66
CA ARG D 191 5.43 41.72 18.69
C ARG D 191 5.10 40.87 17.47
N VAL D 192 5.86 41.05 16.39
CA VAL D 192 5.72 40.29 15.16
C VAL D 192 6.94 39.38 14.99
N ILE D 193 6.73 38.07 14.98
CA ILE D 193 7.79 37.10 14.79
C ILE D 193 7.63 36.40 13.44
N LEU D 194 8.44 36.79 12.46
CA LEU D 194 8.47 36.10 11.17
C LEU D 194 9.01 34.70 11.43
N HIS D 195 8.37 33.69 10.84
CA HIS D 195 8.72 32.32 11.08
C HIS D 195 8.64 31.52 9.75
N SER D 196 9.77 30.97 9.33
CA SER D 196 9.80 30.09 8.20
C SER D 196 10.64 28.83 8.49
N VAL D 197 10.64 27.92 7.50
CA VAL D 197 11.38 26.66 7.61
C VAL D 197 12.31 26.52 6.40
N LEU D 198 13.58 26.19 6.68
CA LEU D 198 14.59 25.99 5.62
C LEU D 198 15.19 24.60 5.78
N PHE D 199 16.06 24.21 4.84
CA PHE D 199 16.57 22.84 4.81
C PHE D 199 18.05 22.80 4.56
N TYR D 200 18.70 21.90 5.31
CA TYR D 200 20.14 21.61 5.19
C TYR D 200 20.34 20.42 4.25
N SER E 5 26.15 46.43 5.81
CA SER E 5 26.32 47.89 5.47
C SER E 5 26.52 48.77 6.72
N PRO E 6 25.50 48.93 7.59
CA PRO E 6 25.62 49.88 8.69
C PRO E 6 26.35 49.27 9.88
N THR E 7 26.48 50.04 10.96
CA THR E 7 27.26 49.63 12.14
C THR E 7 26.48 48.71 13.06
N SER E 9 25.02 51.99 16.74
CA SER E 9 24.76 53.06 15.78
C SER E 9 25.25 54.43 16.30
#